data_2QW5
#
_entry.id   2QW5
#
_cell.length_a   84.238
_cell.length_b   84.238
_cell.length_c   208.172
_cell.angle_alpha   90.000
_cell.angle_beta   90.000
_cell.angle_gamma   90.000
#
_symmetry.space_group_name_H-M   'P 41 21 2'
#
loop_
_entity.id
_entity.type
_entity.pdbx_description
1 polymer 'Xylose isomerase-like TIM barrel'
2 non-polymer D-xylose
3 non-polymer 'ZINC ION'
4 non-polymer 'CHLORIDE ION'
5 non-polymer GLYCEROL
6 water water
#
_entity_poly.entity_id   1
_entity_poly.type   'polypeptide(L)'
_entity_poly.pdbx_seq_one_letter_code
;G(MSE)TKLPATSDIYISFF(MSE)FTTNLQPDNLDYRRIVVAHIKKLQRFGYSGFEFPIAPGLPENYAQDLENYTNLRH
YLDSEGLENVKISTNVGATRTFDPSSNYPEQRQEALEYLKSRVDITAALGGEI(MSE)(MSE)GPIVIPYGVFPTTDFNE
PIWSDELQEHLKVRYANAQPILDKLGEYAEIKKVKLAIEPITHWETPGPNKLSQLIEFLKGVKSKQVGVVIDSAHEILDG
EGPEIFKTQVEYLAQQGRLHYVQVSPPDRGALHTSWLPWKSFLTPIVKVYDGPIAVEIFNAIPAFTNSLRLTRRKFWIPD
EDPPNQYPNAYDIADEAIKVTRKELKKIGSK
;
_entity_poly.pdbx_strand_id   A,B
#
loop_
_chem_comp.id
_chem_comp.type
_chem_comp.name
_chem_comp.formula
CL non-polymer 'CHLORIDE ION' 'Cl -1'
GOL non-polymer GLYCEROL 'C3 H8 O3'
XLS D-saccharide D-xylose 'C5 H10 O5'
ZN non-polymer 'ZINC ION' 'Zn 2'
#
# COMPACT_ATOMS: atom_id res chain seq x y z
N ALA A 7 17.53 -1.78 -45.55
CA ALA A 7 17.12 -0.63 -44.69
C ALA A 7 17.21 -1.00 -43.21
N THR A 8 17.77 -0.09 -42.40
CA THR A 8 17.92 -0.28 -40.95
C THR A 8 16.53 -0.21 -40.28
N SER A 9 16.24 -1.15 -39.37
CA SER A 9 14.93 -1.23 -38.72
C SER A 9 14.67 -0.03 -37.78
N ASP A 10 13.39 0.21 -37.52
CA ASP A 10 12.93 1.26 -36.60
C ASP A 10 13.08 0.69 -35.18
N ILE A 11 13.62 1.52 -34.30
CA ILE A 11 13.81 1.16 -32.91
C ILE A 11 12.91 2.05 -32.08
N TYR A 12 12.05 1.43 -31.28
CA TYR A 12 11.14 2.15 -30.36
C TYR A 12 11.65 1.97 -28.94
N ILE A 13 11.13 2.75 -28.03
CA ILE A 13 11.38 2.57 -26.58
C ILE A 13 10.09 2.67 -25.78
N SER A 14 9.96 1.81 -24.76
CA SER A 14 8.79 1.83 -23.89
C SER A 14 8.80 3.00 -22.89
N PHE A 15 7.62 3.59 -22.68
CA PHE A 15 7.42 4.61 -21.61
C PHE A 15 7.47 4.02 -20.20
N PHE A 16 7.61 2.68 -20.04
CA PHE A 16 7.92 2.08 -18.70
C PHE A 16 9.26 2.56 -18.07
N MSE A 17 10.10 3.27 -18.85
CA MSE A 17 11.28 3.94 -18.32
C MSE A 17 10.81 5.06 -17.37
O MSE A 17 11.56 5.46 -16.48
CB MSE A 17 12.09 4.56 -19.45
CG MSE A 17 13.40 5.31 -19.03
SE MSE A 17 14.60 4.11 -18.16
CE MSE A 17 15.51 3.49 -19.69
N PHE A 18 9.58 5.58 -17.57
CA PHE A 18 9.04 6.72 -16.82
C PHE A 18 7.75 6.51 -16.05
N THR A 19 6.82 5.71 -16.59
CA THR A 19 5.47 5.67 -16.06
C THR A 19 4.63 4.52 -16.54
N THR A 20 3.52 4.27 -15.87
CA THR A 20 2.48 3.31 -16.34
C THR A 20 1.18 4.06 -16.78
N ASN A 21 1.20 5.40 -16.71
CA ASN A 21 0.01 6.24 -16.98
C ASN A 21 0.41 7.51 -17.75
N LEU A 22 -0.05 7.58 -19.00
CA LEU A 22 0.21 8.71 -19.86
C LEU A 22 -0.56 9.99 -19.48
N GLN A 23 -1.60 9.90 -18.62
CA GLN A 23 -2.41 11.05 -18.18
C GLN A 23 -2.71 12.00 -19.35
N PRO A 24 -3.38 11.47 -20.39
CA PRO A 24 -3.63 12.26 -21.62
C PRO A 24 -4.38 13.60 -21.41
N ASP A 25 -5.20 13.65 -20.37
CA ASP A 25 -5.95 14.84 -19.89
C ASP A 25 -5.18 15.87 -19.03
N ASN A 26 -4.00 15.52 -18.52
CA ASN A 26 -3.18 16.40 -17.69
C ASN A 26 -2.28 17.18 -18.66
N LEU A 27 -2.61 18.45 -18.83
CA LEU A 27 -1.97 19.34 -19.79
C LEU A 27 -0.51 19.62 -19.45
N ASP A 28 -0.20 19.72 -18.16
CA ASP A 28 1.19 19.91 -17.72
C ASP A 28 2.04 18.66 -17.94
N TYR A 29 1.42 17.48 -17.74
CA TYR A 29 2.10 16.20 -17.99
C TYR A 29 2.40 15.99 -19.48
N ARG A 30 1.50 16.43 -20.38
CA ARG A 30 1.80 16.34 -21.83
C ARG A 30 3.12 16.95 -22.20
N ARG A 31 3.45 18.06 -21.55
CA ARG A 31 4.73 18.73 -21.79
C ARG A 31 5.92 17.87 -21.46
N ILE A 32 5.79 17.11 -20.36
CA ILE A 32 6.82 16.16 -19.93
C ILE A 32 6.96 15.02 -20.95
N VAL A 33 5.84 14.44 -21.37
CA VAL A 33 5.82 13.39 -22.41
C VAL A 33 6.55 13.85 -23.70
N VAL A 34 6.26 15.08 -24.15
CA VAL A 34 6.88 15.63 -25.37
C VAL A 34 8.37 15.86 -25.21
N ALA A 35 8.78 16.40 -24.06
CA ALA A 35 10.22 16.63 -23.77
C ALA A 35 11.02 15.32 -23.71
N HIS A 36 10.43 14.24 -23.17
CA HIS A 36 11.08 12.92 -23.16
C HIS A 36 11.25 12.40 -24.58
N ILE A 37 10.16 12.46 -25.35
CA ILE A 37 10.16 11.99 -26.76
C ILE A 37 11.22 12.72 -27.59
N LYS A 38 11.31 14.05 -27.45
CA LYS A 38 12.31 14.82 -28.20
C LYS A 38 13.75 14.48 -27.84
N LYS A 39 13.99 14.23 -26.56
CA LYS A 39 15.32 13.83 -26.09
C LYS A 39 15.64 12.46 -26.66
N LEU A 40 14.67 11.55 -26.57
CA LEU A 40 14.88 10.18 -27.02
C LEU A 40 15.11 10.10 -28.52
N GLN A 41 14.37 10.91 -29.28
CA GLN A 41 14.54 11.00 -30.76
C GLN A 41 15.97 11.32 -31.15
N ARG A 42 16.65 12.17 -30.36
CA ARG A 42 18.05 12.53 -30.63
CA ARG A 42 18.06 12.54 -30.60
C ARG A 42 18.96 11.31 -30.57
N PHE A 43 18.63 10.31 -29.74
CA PHE A 43 19.39 9.05 -29.68
C PHE A 43 19.08 8.09 -30.83
N GLY A 44 18.03 8.39 -31.60
CA GLY A 44 17.63 7.62 -32.76
C GLY A 44 16.33 6.86 -32.68
N TYR A 45 15.60 7.00 -31.58
CA TYR A 45 14.31 6.32 -31.42
C TYR A 45 13.30 6.99 -32.34
N SER A 46 12.55 6.16 -33.08
CA SER A 46 11.53 6.59 -34.03
C SER A 46 10.08 6.30 -33.60
N GLY A 47 9.92 5.63 -32.47
CA GLY A 47 8.59 5.39 -31.93
C GLY A 47 8.61 5.02 -30.46
N PHE A 48 7.43 5.03 -29.86
CA PHE A 48 7.29 4.85 -28.37
C PHE A 48 6.16 3.94 -28.00
N GLU A 49 6.32 3.12 -26.96
CA GLU A 49 5.22 2.27 -26.50
C GLU A 49 4.60 3.01 -25.35
N PHE A 50 3.33 3.26 -25.46
CA PHE A 50 2.51 3.93 -24.44
C PHE A 50 1.66 2.90 -23.73
N PRO A 51 1.91 2.70 -22.39
CA PRO A 51 0.96 1.90 -21.65
C PRO A 51 -0.37 2.64 -21.53
N ILE A 52 -1.49 1.94 -21.69
CA ILE A 52 -2.81 2.55 -21.53
C ILE A 52 -3.36 2.08 -20.19
N ALA A 53 -3.33 2.98 -19.20
CA ALA A 53 -3.83 2.66 -17.84
C ALA A 53 -5.31 2.36 -17.89
N PRO A 54 -5.78 1.33 -17.15
CA PRO A 54 -7.22 1.02 -17.15
C PRO A 54 -8.02 2.07 -16.38
N GLY A 55 -9.31 2.14 -16.70
CA GLY A 55 -10.24 3.08 -16.06
C GLY A 55 -11.63 2.49 -15.96
N LEU A 56 -12.62 3.34 -15.75
CA LEU A 56 -14.01 2.93 -15.56
C LEU A 56 -14.73 2.83 -16.89
N PRO A 57 -15.64 1.84 -17.05
CA PRO A 57 -16.33 1.71 -18.35
C PRO A 57 -17.18 2.91 -18.76
N GLU A 58 -17.72 3.66 -17.80
CA GLU A 58 -18.47 4.88 -18.12
C GLU A 58 -17.63 5.96 -18.79
N ASN A 59 -16.30 5.85 -18.71
CA ASN A 59 -15.37 6.83 -19.32
C ASN A 59 -14.71 6.42 -20.66
N TYR A 60 -15.23 5.41 -21.36
CA TYR A 60 -14.63 5.04 -22.65
C TYR A 60 -14.56 6.15 -23.70
N ALA A 61 -15.66 6.88 -23.84
CA ALA A 61 -15.73 7.97 -24.81
C ALA A 61 -14.78 9.11 -24.39
N GLN A 62 -14.74 9.42 -23.08
CA GLN A 62 -13.84 10.47 -22.61
CA GLN A 62 -13.83 10.43 -22.51
C GLN A 62 -12.37 10.07 -22.80
N ASP A 63 -12.03 8.80 -22.60
CA ASP A 63 -10.67 8.31 -22.82
C ASP A 63 -10.26 8.49 -24.29
N LEU A 64 -11.15 8.14 -25.20
CA LEU A 64 -10.87 8.21 -26.65
C LEU A 64 -10.57 9.65 -27.08
N GLU A 65 -11.37 10.56 -26.54
CA GLU A 65 -11.20 11.98 -26.76
C GLU A 65 -9.88 12.48 -26.18
N ASN A 66 -9.53 12.05 -24.96
CA ASN A 66 -8.25 12.49 -24.37
C ASN A 66 -7.04 12.00 -25.14
N TYR A 67 -7.02 10.72 -25.50
CA TYR A 67 -5.85 10.19 -26.28
C TYR A 67 -5.81 10.79 -27.71
N THR A 68 -6.98 11.09 -28.29
CA THR A 68 -7.03 11.75 -29.61
C THR A 68 -6.36 13.13 -29.43
N ASN A 69 -6.69 13.83 -28.35
CA ASN A 69 -6.08 15.13 -28.06
C ASN A 69 -4.58 15.04 -27.79
N LEU A 70 -4.13 13.94 -27.18
CA LEU A 70 -2.71 13.71 -26.96
C LEU A 70 -2.01 13.55 -28.32
N ARG A 71 -2.55 12.71 -29.20
CA ARG A 71 -1.99 12.55 -30.58
C ARG A 71 -1.89 13.92 -31.28
N HIS A 72 -2.96 14.72 -31.19
CA HIS A 72 -2.98 16.04 -31.83
C HIS A 72 -1.95 16.99 -31.23
N TYR A 73 -1.72 16.90 -29.92
CA TYR A 73 -0.72 17.73 -29.25
C TYR A 73 0.71 17.32 -29.68
N LEU A 74 0.96 16.00 -29.78
CA LEU A 74 2.25 15.53 -30.27
C LEU A 74 2.48 16.05 -31.70
N ASP A 75 1.43 16.01 -32.53
CA ASP A 75 1.52 16.49 -33.94
C ASP A 75 1.82 17.99 -33.99
N SER A 76 1.12 18.76 -33.16
CA SER A 76 1.35 20.21 -33.09
C SER A 76 2.74 20.58 -32.58
N GLU A 77 3.38 19.69 -31.80
CA GLU A 77 4.77 19.88 -31.36
C GLU A 77 5.87 19.41 -32.35
N GLY A 78 5.51 19.11 -33.60
CA GLY A 78 6.45 18.63 -34.64
C GLY A 78 6.70 17.14 -34.66
N LEU A 79 5.88 16.37 -33.95
CA LEU A 79 6.09 14.92 -33.82
C LEU A 79 5.12 14.09 -34.66
N GLU A 80 4.70 14.61 -35.81
CA GLU A 80 3.77 13.92 -36.73
C GLU A 80 4.25 12.53 -37.11
N ASN A 81 5.55 12.42 -37.38
CA ASN A 81 6.12 11.16 -37.89
C ASN A 81 6.39 10.14 -36.82
N VAL A 82 6.27 10.53 -35.53
CA VAL A 82 6.54 9.61 -34.39
C VAL A 82 5.41 8.58 -34.31
N LYS A 83 5.75 7.31 -34.33
CA LYS A 83 4.79 6.22 -34.21
C LYS A 83 4.62 5.76 -32.76
N ILE A 84 3.42 5.29 -32.42
CA ILE A 84 3.08 4.82 -31.10
C ILE A 84 2.54 3.42 -31.21
N SER A 85 3.03 2.53 -30.35
CA SER A 85 2.42 1.21 -30.08
C SER A 85 1.85 1.32 -28.63
N THR A 86 0.90 0.47 -28.30
CA THR A 86 0.29 0.49 -26.98
C THR A 86 0.49 -0.82 -26.23
N ASN A 87 0.58 -0.69 -24.91
CA ASN A 87 0.65 -1.81 -23.98
C ASN A 87 -0.66 -1.80 -23.17
N VAL A 88 -1.38 -2.89 -23.27
CA VAL A 88 -2.70 -3.02 -22.68
C VAL A 88 -2.81 -4.40 -22.05
N GLY A 89 -3.38 -4.44 -20.85
CA GLY A 89 -3.60 -5.69 -20.14
C GLY A 89 -5.01 -5.91 -19.69
N ALA A 90 -5.44 -7.18 -19.72
CA ALA A 90 -6.70 -7.58 -19.12
C ALA A 90 -6.50 -7.42 -17.60
N THR A 91 -7.61 -7.20 -16.89
CA THR A 91 -7.61 -6.99 -15.45
C THR A 91 -8.54 -7.99 -14.81
N ARG A 92 -8.48 -8.08 -13.50
CA ARG A 92 -9.37 -9.02 -12.77
C ARG A 92 -10.87 -8.83 -13.14
N THR A 93 -11.29 -7.56 -13.25
CA THR A 93 -12.66 -7.21 -13.69
C THR A 93 -12.83 -7.46 -15.18
N PHE A 94 -11.96 -6.87 -15.99
CA PHE A 94 -12.03 -6.96 -17.46
C PHE A 94 -11.26 -8.19 -17.88
N ASP A 95 -11.89 -9.35 -17.63
CA ASP A 95 -11.30 -10.66 -17.86
C ASP A 95 -12.07 -11.45 -18.93
N PRO A 96 -11.49 -11.56 -20.13
CA PRO A 96 -12.14 -12.31 -21.20
C PRO A 96 -12.16 -13.81 -21.04
N SER A 97 -11.40 -14.34 -20.08
CA SER A 97 -11.35 -15.76 -19.77
C SER A 97 -12.29 -16.13 -18.61
N SER A 98 -13.16 -15.21 -18.20
CA SER A 98 -14.12 -15.48 -17.14
C SER A 98 -15.09 -16.58 -17.53
N ASN A 99 -15.62 -17.30 -16.56
CA ASN A 99 -16.67 -18.28 -16.83
C ASN A 99 -18.02 -17.61 -17.05
N TYR A 100 -18.15 -16.31 -16.75
CA TYR A 100 -19.42 -15.59 -16.81
C TYR A 100 -19.54 -14.77 -18.11
N PRO A 101 -20.54 -15.11 -18.95
CA PRO A 101 -20.76 -14.38 -20.23
C PRO A 101 -20.74 -12.85 -20.16
N GLU A 102 -21.44 -12.23 -19.21
CA GLU A 102 -21.48 -10.75 -19.08
CA GLU A 102 -21.46 -10.76 -19.14
C GLU A 102 -20.11 -10.19 -18.72
N GLN A 103 -19.33 -10.95 -17.94
CA GLN A 103 -17.98 -10.49 -17.57
C GLN A 103 -17.13 -10.47 -18.83
N ARG A 104 -17.18 -11.55 -19.61
CA ARG A 104 -16.45 -11.65 -20.90
C ARG A 104 -16.83 -10.54 -21.91
N GLN A 105 -18.13 -10.23 -22.00
CA GLN A 105 -18.62 -9.16 -22.90
C GLN A 105 -18.16 -7.82 -22.44
N GLU A 106 -18.19 -7.60 -21.13
CA GLU A 106 -17.64 -6.33 -20.59
C GLU A 106 -16.13 -6.22 -20.83
N ALA A 107 -15.44 -7.36 -20.81
CA ALA A 107 -14.00 -7.42 -21.09
C ALA A 107 -13.74 -7.10 -22.58
N LEU A 108 -14.56 -7.66 -23.46
CA LEU A 108 -14.49 -7.35 -24.91
C LEU A 108 -14.68 -5.86 -25.19
N GLU A 109 -15.64 -5.24 -24.51
CA GLU A 109 -15.85 -3.77 -24.70
C GLU A 109 -14.67 -2.96 -24.21
N TYR A 110 -14.07 -3.40 -23.10
CA TYR A 110 -12.85 -2.80 -22.57
C TYR A 110 -11.73 -2.91 -23.61
N LEU A 111 -11.52 -4.10 -24.14
CA LEU A 111 -10.45 -4.33 -25.13
C LEU A 111 -10.72 -3.58 -26.43
N LYS A 112 -12.00 -3.48 -26.85
CA LYS A 112 -12.40 -2.68 -28.07
C LYS A 112 -12.12 -1.20 -27.86
N SER A 113 -12.38 -0.72 -26.64
CA SER A 113 -12.02 0.67 -26.26
C SER A 113 -10.54 0.92 -26.42
N ARG A 114 -9.74 -0.04 -25.97
CA ARG A 114 -8.30 0.11 -26.02
C ARG A 114 -7.83 0.00 -27.47
N VAL A 115 -8.44 -0.87 -28.27
CA VAL A 115 -8.15 -0.89 -29.73
C VAL A 115 -8.44 0.56 -30.31
N ASP A 116 -9.60 1.17 -29.97
CA ASP A 116 -9.95 2.52 -30.45
C ASP A 116 -8.92 3.57 -30.06
N ILE A 117 -8.46 3.51 -28.82
CA ILE A 117 -7.40 4.43 -28.33
C ILE A 117 -6.08 4.24 -29.12
N THR A 118 -5.72 2.98 -29.39
CA THR A 118 -4.51 2.65 -30.16
C THR A 118 -4.58 3.35 -31.51
N ALA A 119 -5.70 3.19 -32.19
CA ALA A 119 -5.94 3.80 -33.50
C ALA A 119 -5.91 5.33 -33.41
N ALA A 120 -6.54 5.92 -32.38
CA ALA A 120 -6.57 7.39 -32.18
C ALA A 120 -5.18 7.96 -32.00
N LEU A 121 -4.28 7.14 -31.44
CA LEU A 121 -2.85 7.47 -31.33
C LEU A 121 -2.07 7.19 -32.62
N GLY A 122 -2.75 6.85 -33.72
CA GLY A 122 -2.12 6.49 -34.99
C GLY A 122 -1.44 5.13 -34.99
N GLY A 123 -1.68 4.33 -33.94
CA GLY A 123 -0.96 3.12 -33.74
C GLY A 123 -1.54 1.96 -34.50
N GLU A 124 -0.66 1.06 -34.88
CA GLU A 124 -1.01 -0.13 -35.61
C GLU A 124 -0.65 -1.42 -34.88
N ILE A 125 -0.18 -1.29 -33.64
CA ILE A 125 0.15 -2.43 -32.79
C ILE A 125 -0.35 -2.17 -31.36
N MSE A 126 -1.20 -3.08 -30.88
CA MSE A 126 -1.66 -3.11 -29.48
C MSE A 126 -1.17 -4.44 -28.95
O MSE A 126 -1.56 -5.52 -29.49
CB MSE A 126 -3.17 -3.05 -29.37
CG MSE A 126 -3.68 -3.04 -27.92
SE MSE A 126 -5.51 -2.73 -27.77
CE MSE A 126 -6.15 -4.46 -27.15
N MSE A 127 -0.36 -4.40 -27.89
CA MSE A 127 0.25 -5.62 -27.33
C MSE A 127 0.03 -5.74 -25.84
O MSE A 127 -0.28 -4.76 -25.18
CB MSE A 127 1.76 -5.62 -27.55
CG MSE A 127 2.47 -4.39 -26.96
SE MSE A 127 4.09 -4.89 -26.23
CE MSE A 127 3.57 -6.02 -24.72
N GLY A 128 0.18 -6.95 -25.32
CA GLY A 128 0.20 -7.15 -23.89
C GLY A 128 -0.54 -8.38 -23.45
N PRO A 129 -0.71 -8.56 -22.11
CA PRO A 129 -1.38 -9.68 -21.50
C PRO A 129 -2.92 -9.52 -21.53
N ILE A 130 -3.48 -9.69 -22.74
CA ILE A 130 -4.90 -9.46 -23.00
C ILE A 130 -5.81 -10.74 -22.96
N VAL A 131 -5.27 -11.87 -22.48
CA VAL A 131 -6.02 -13.14 -22.37
C VAL A 131 -6.34 -13.40 -20.88
N ILE A 132 -5.31 -13.69 -20.09
CA ILE A 132 -5.45 -13.93 -18.67
C ILE A 132 -5.01 -12.58 -18.01
N PRO A 133 -5.78 -12.07 -17.02
CA PRO A 133 -5.45 -10.83 -16.29
C PRO A 133 -4.02 -10.81 -15.77
N TYR A 134 -3.30 -9.72 -16.02
CA TYR A 134 -1.90 -9.64 -15.68
C TYR A 134 -1.66 -9.68 -14.18
N GLY A 135 -0.80 -10.60 -13.73
CA GLY A 135 -0.45 -10.76 -12.32
C GLY A 135 -1.50 -11.25 -11.37
N VAL A 136 -2.62 -11.80 -11.87
CA VAL A 136 -3.71 -12.25 -11.07
C VAL A 136 -3.57 -13.75 -10.99
N PHE A 137 -2.74 -14.19 -10.05
CA PHE A 137 -2.53 -15.61 -9.83
C PHE A 137 -3.80 -16.13 -9.15
N PRO A 138 -4.43 -17.20 -9.72
CA PRO A 138 -5.68 -17.66 -9.15
C PRO A 138 -5.54 -18.33 -7.80
N THR A 139 -6.58 -18.25 -6.99
CA THR A 139 -6.62 -18.86 -5.67
C THR A 139 -7.97 -19.54 -5.48
N THR A 140 -8.05 -20.41 -4.48
CA THR A 140 -9.30 -21.09 -4.14
C THR A 140 -10.17 -20.05 -3.46
N ASP A 141 -11.42 -20.40 -3.16
CA ASP A 141 -12.29 -19.49 -2.40
C ASP A 141 -11.76 -19.18 -0.99
N PHE A 142 -10.98 -20.13 -0.46
CA PHE A 142 -10.34 -19.99 0.86
CA PHE A 142 -10.34 -20.00 0.86
C PHE A 142 -8.91 -19.40 0.77
N ASN A 143 -8.62 -18.67 -0.32
CA ASN A 143 -7.33 -17.99 -0.56
C ASN A 143 -6.06 -18.85 -0.65
N GLU A 144 -6.21 -20.14 -0.97
CA GLU A 144 -5.04 -20.98 -1.14
C GLU A 144 -4.55 -20.82 -2.57
N PRO A 145 -3.21 -20.68 -2.77
CA PRO A 145 -2.69 -20.62 -4.14
C PRO A 145 -2.94 -21.88 -4.99
N ILE A 146 -2.95 -21.66 -6.29
CA ILE A 146 -3.13 -22.73 -7.28
C ILE A 146 -1.93 -22.67 -8.24
N TRP A 147 -1.13 -23.74 -8.21
CA TRP A 147 0.08 -23.85 -9.03
C TRP A 147 0.20 -25.16 -9.80
N SER A 148 1.25 -25.24 -10.62
CA SER A 148 1.71 -26.42 -11.32
C SER A 148 0.57 -27.19 -12.00
N ASP A 149 0.47 -28.49 -11.79
CA ASP A 149 -0.51 -29.28 -12.52
C ASP A 149 -1.92 -28.78 -12.37
N GLU A 150 -2.29 -28.46 -11.14
CA GLU A 150 -3.62 -27.93 -10.84
C GLU A 150 -3.86 -26.59 -11.60
N LEU A 151 -2.89 -25.71 -11.58
CA LEU A 151 -2.99 -24.46 -12.33
C LEU A 151 -3.18 -24.70 -13.84
N GLN A 152 -2.42 -25.65 -14.39
CA GLN A 152 -2.51 -25.96 -15.85
C GLN A 152 -3.91 -26.51 -16.22
N GLU A 153 -4.51 -27.32 -15.36
CA GLU A 153 -5.88 -27.80 -15.58
C GLU A 153 -6.90 -26.66 -15.55
N HIS A 154 -6.73 -25.75 -14.56
CA HIS A 154 -7.53 -24.53 -14.40
CA HIS A 154 -7.59 -24.58 -14.43
C HIS A 154 -7.42 -23.64 -15.65
N LEU A 155 -6.19 -23.44 -16.13
CA LEU A 155 -5.95 -22.60 -17.30
C LEU A 155 -6.58 -23.09 -18.60
N LYS A 156 -6.79 -24.41 -18.74
CA LYS A 156 -7.46 -24.93 -19.95
C LYS A 156 -8.86 -24.38 -20.10
N VAL A 157 -9.56 -24.23 -18.97
CA VAL A 157 -10.93 -23.69 -18.96
C VAL A 157 -10.90 -22.19 -19.29
N ARG A 158 -9.93 -21.47 -18.72
CA ARG A 158 -9.78 -20.03 -18.95
C ARG A 158 -9.45 -19.76 -20.41
N TYR A 159 -8.51 -20.54 -20.97
CA TYR A 159 -8.17 -20.39 -22.39
C TYR A 159 -9.38 -20.69 -23.31
N ALA A 160 -10.14 -21.76 -23.01
CA ALA A 160 -11.38 -22.07 -23.77
C ALA A 160 -12.43 -20.93 -23.71
N ASN A 161 -12.58 -20.33 -22.54
CA ASN A 161 -13.48 -19.17 -22.36
C ASN A 161 -13.05 -17.97 -23.19
N ALA A 162 -11.74 -17.73 -23.25
CA ALA A 162 -11.20 -16.52 -23.91
C ALA A 162 -11.10 -16.60 -25.44
N GLN A 163 -10.96 -17.82 -26.00
CA GLN A 163 -10.71 -17.94 -27.44
C GLN A 163 -11.75 -17.23 -28.35
N PRO A 164 -13.07 -17.48 -28.13
CA PRO A 164 -14.07 -16.79 -28.96
C PRO A 164 -14.10 -15.27 -28.77
N ILE A 165 -13.73 -14.79 -27.57
CA ILE A 165 -13.70 -13.36 -27.28
C ILE A 165 -12.56 -12.68 -28.01
N LEU A 166 -11.38 -13.30 -27.99
CA LEU A 166 -10.22 -12.79 -28.72
C LEU A 166 -10.44 -12.82 -30.25
N ASP A 167 -11.18 -13.83 -30.73
CA ASP A 167 -11.48 -13.94 -32.16
CA ASP A 167 -11.47 -13.91 -32.17
C ASP A 167 -12.32 -12.71 -32.57
N LYS A 168 -13.35 -12.40 -31.77
CA LYS A 168 -14.23 -11.24 -32.01
C LYS A 168 -13.46 -9.91 -31.93
N LEU A 169 -12.55 -9.82 -30.99
CA LEU A 169 -11.67 -8.64 -30.87
C LEU A 169 -10.76 -8.53 -32.10
N GLY A 170 -10.27 -9.67 -32.64
CA GLY A 170 -9.44 -9.66 -33.87
C GLY A 170 -10.20 -9.10 -35.09
N GLU A 171 -11.42 -9.58 -35.29
CA GLU A 171 -12.31 -9.07 -36.37
C GLU A 171 -12.52 -7.58 -36.25
N TYR A 172 -12.80 -7.11 -35.05
CA TYR A 172 -12.88 -5.67 -34.76
C TYR A 172 -11.57 -4.92 -35.03
N ALA A 173 -10.43 -5.40 -34.50
CA ALA A 173 -9.12 -4.75 -34.71
C ALA A 173 -8.67 -4.66 -36.18
N GLU A 174 -9.06 -5.66 -36.96
CA GLU A 174 -8.74 -5.71 -38.41
CA GLU A 174 -8.80 -5.74 -38.42
C GLU A 174 -9.42 -4.53 -39.12
N ILE A 175 -10.67 -4.23 -38.77
CA ILE A 175 -11.39 -3.06 -39.33
C ILE A 175 -10.63 -1.77 -38.95
N LYS A 176 -10.14 -1.71 -37.71
CA LYS A 176 -9.38 -0.58 -37.17
C LYS A 176 -7.90 -0.50 -37.60
N LYS A 177 -7.40 -1.52 -38.30
CA LYS A 177 -6.00 -1.62 -38.73
C LYS A 177 -4.98 -1.65 -37.53
N VAL A 178 -5.36 -2.36 -36.46
CA VAL A 178 -4.52 -2.52 -35.27
C VAL A 178 -4.21 -4.00 -35.16
N LYS A 179 -2.93 -4.36 -35.22
CA LYS A 179 -2.57 -5.78 -35.05
C LYS A 179 -2.58 -6.02 -33.56
N LEU A 180 -3.10 -7.17 -33.12
CA LEU A 180 -3.14 -7.52 -31.68
C LEU A 180 -1.97 -8.47 -31.38
N ALA A 181 -1.03 -8.06 -30.53
CA ALA A 181 0.20 -8.85 -30.19
C ALA A 181 0.15 -9.31 -28.75
N ILE A 182 -0.34 -10.55 -28.52
CA ILE A 182 -0.44 -11.16 -27.20
C ILE A 182 0.96 -11.55 -26.72
N GLU A 183 1.23 -11.30 -25.44
CA GLU A 183 2.57 -11.49 -24.89
C GLU A 183 2.70 -12.69 -23.94
N PRO A 184 3.58 -13.65 -24.27
CA PRO A 184 3.97 -14.66 -23.27
C PRO A 184 4.78 -13.91 -22.23
N ILE A 185 4.43 -14.08 -20.95
CA ILE A 185 5.08 -13.36 -19.84
C ILE A 185 5.53 -14.40 -18.83
N THR A 186 6.70 -14.21 -18.25
CA THR A 186 7.28 -15.13 -17.29
C THR A 186 6.36 -15.49 -16.14
N HIS A 187 6.46 -16.74 -15.70
CA HIS A 187 5.77 -17.26 -14.50
C HIS A 187 5.99 -16.39 -13.25
N TRP A 188 7.15 -15.71 -13.18
CA TRP A 188 7.41 -14.77 -12.08
C TRP A 188 6.39 -13.65 -11.98
N GLU A 189 5.82 -13.22 -13.13
CA GLU A 189 4.87 -12.13 -13.17
C GLU A 189 3.41 -12.48 -13.36
N THR A 190 3.05 -13.64 -13.91
CA THR A 190 1.64 -13.89 -14.23
C THR A 190 1.42 -15.39 -14.38
N PRO A 191 0.20 -15.92 -14.15
CA PRO A 191 -0.04 -17.38 -14.24
C PRO A 191 0.05 -18.02 -15.61
N GLY A 192 -0.20 -17.23 -16.66
CA GLY A 192 -0.09 -17.70 -18.02
C GLY A 192 -0.73 -16.74 -19.01
N PRO A 193 -0.47 -16.89 -20.32
CA PRO A 193 0.50 -17.83 -20.93
C PRO A 193 1.93 -17.39 -20.65
N ASN A 194 2.78 -18.34 -20.23
CA ASN A 194 4.17 -18.04 -19.89
C ASN A 194 5.17 -18.28 -21.03
N LYS A 195 4.90 -19.32 -21.83
CA LYS A 195 5.74 -19.74 -22.93
C LYS A 195 5.07 -19.55 -24.29
N LEU A 196 5.92 -19.44 -25.31
CA LEU A 196 5.48 -19.27 -26.69
C LEU A 196 4.72 -20.54 -27.11
N SER A 197 5.06 -21.71 -26.54
CA SER A 197 4.31 -22.97 -26.84
C SER A 197 2.85 -22.90 -26.33
N GLN A 198 2.68 -22.29 -25.15
CA GLN A 198 1.36 -22.13 -24.53
C GLN A 198 0.51 -21.12 -25.32
N LEU A 199 1.12 -20.02 -25.76
CA LEU A 199 0.40 -19.03 -26.59
C LEU A 199 0.07 -19.58 -27.99
N ILE A 200 0.97 -20.39 -28.57
CA ILE A 200 0.75 -21.01 -29.87
C ILE A 200 -0.45 -21.94 -29.75
N GLU A 201 -0.50 -22.73 -28.69
CA GLU A 201 -1.65 -23.62 -28.41
C GLU A 201 -2.98 -22.85 -28.28
N PHE A 202 -2.95 -21.71 -27.57
CA PHE A 202 -4.12 -20.86 -27.40
C PHE A 202 -4.63 -20.37 -28.76
N LEU A 203 -3.70 -19.85 -29.57
CA LEU A 203 -4.02 -19.34 -30.90
C LEU A 203 -4.61 -20.35 -31.88
N LYS A 204 -4.39 -21.65 -31.67
CA LYS A 204 -4.97 -22.68 -32.54
CA LYS A 204 -4.99 -22.71 -32.51
C LYS A 204 -6.51 -22.59 -32.53
N GLY A 205 -7.09 -22.07 -31.44
CA GLY A 205 -8.53 -21.86 -31.31
C GLY A 205 -9.08 -20.46 -31.65
N VAL A 206 -8.23 -19.62 -32.23
CA VAL A 206 -8.58 -18.27 -32.67
C VAL A 206 -8.40 -18.17 -34.20
N LYS A 207 -9.51 -18.11 -34.92
CA LYS A 207 -9.49 -18.02 -36.38
C LYS A 207 -8.76 -16.79 -36.92
N SER A 208 -9.01 -15.64 -36.31
CA SER A 208 -8.41 -14.38 -36.74
C SER A 208 -6.87 -14.24 -36.60
N LYS A 209 -6.20 -14.07 -37.74
CA LYS A 209 -4.75 -13.85 -37.78
C LYS A 209 -4.35 -12.44 -37.34
N GLN A 210 -5.35 -11.56 -37.20
CA GLN A 210 -5.14 -10.21 -36.62
C GLN A 210 -4.66 -10.39 -35.16
N VAL A 211 -5.02 -11.53 -34.55
CA VAL A 211 -4.60 -11.91 -33.20
C VAL A 211 -3.32 -12.73 -33.30
N GLY A 212 -2.20 -12.13 -32.95
CA GLY A 212 -0.90 -12.77 -33.00
C GLY A 212 -0.10 -12.56 -31.74
N VAL A 213 1.23 -12.44 -31.92
CA VAL A 213 2.13 -12.41 -30.77
C VAL A 213 3.15 -11.30 -30.79
N VAL A 214 3.60 -10.96 -29.58
CA VAL A 214 4.82 -10.20 -29.39
C VAL A 214 5.77 -11.21 -28.73
N ILE A 215 7.02 -11.27 -29.21
CA ILE A 215 8.07 -12.04 -28.57
C ILE A 215 8.98 -11.01 -27.90
N ASP A 216 9.09 -11.12 -26.57
CA ASP A 216 9.92 -10.26 -25.69
C ASP A 216 11.05 -11.17 -25.23
N SER A 217 12.31 -10.76 -25.47
CA SER A 217 13.50 -11.55 -25.15
C SER A 217 13.65 -11.91 -23.67
N ALA A 218 13.27 -10.99 -22.76
CA ALA A 218 13.31 -11.26 -21.29
C ALA A 218 12.40 -12.45 -20.93
N HIS A 219 11.17 -12.43 -21.44
CA HIS A 219 10.22 -13.56 -21.22
C HIS A 219 10.62 -14.84 -21.90
N GLU A 220 11.22 -14.73 -23.10
CA GLU A 220 11.68 -15.93 -23.83
C GLU A 220 12.81 -16.64 -23.10
N ILE A 221 13.77 -15.87 -22.61
CA ILE A 221 14.91 -16.41 -21.87
C ILE A 221 14.48 -17.00 -20.53
N LEU A 222 13.62 -16.29 -19.77
CA LEU A 222 13.21 -16.77 -18.44
C LEU A 222 12.41 -18.05 -18.47
N ASP A 223 11.54 -18.22 -19.47
CA ASP A 223 10.65 -19.41 -19.54
C ASP A 223 10.72 -20.30 -20.79
N GLY A 224 11.38 -19.83 -21.84
CA GLY A 224 11.39 -20.55 -23.11
C GLY A 224 12.21 -21.82 -23.17
N GLU A 225 12.11 -22.48 -24.30
CA GLU A 225 12.64 -23.82 -24.48
C GLU A 225 13.98 -23.93 -25.17
N GLY A 226 14.68 -22.81 -25.35
CA GLY A 226 15.98 -22.83 -25.98
C GLY A 226 15.98 -22.46 -27.47
N PRO A 227 17.17 -22.18 -27.98
CA PRO A 227 17.25 -21.67 -29.36
C PRO A 227 16.74 -22.57 -30.50
N GLU A 228 16.82 -23.90 -30.36
CA GLU A 228 16.36 -24.81 -31.44
C GLU A 228 14.85 -24.81 -31.56
N ILE A 229 14.17 -25.04 -30.43
CA ILE A 229 12.70 -24.99 -30.39
C ILE A 229 12.21 -23.58 -30.72
N PHE A 230 12.87 -22.54 -30.20
CA PHE A 230 12.51 -21.15 -30.51
C PHE A 230 12.52 -20.78 -32.00
N LYS A 231 13.54 -21.24 -32.72
CA LYS A 231 13.67 -21.06 -34.15
C LYS A 231 12.47 -21.66 -34.90
N THR A 232 12.03 -22.87 -34.52
CA THR A 232 10.86 -23.50 -35.12
C THR A 232 9.56 -22.69 -34.83
N GLN A 233 9.45 -22.15 -33.61
CA GLN A 233 8.30 -21.34 -33.22
C GLN A 233 8.29 -20.01 -34.00
N VAL A 234 9.45 -19.35 -34.12
CA VAL A 234 9.56 -18.11 -34.93
C VAL A 234 9.13 -18.34 -36.40
N GLU A 235 9.69 -19.37 -37.03
CA GLU A 235 9.35 -19.70 -38.42
C GLU A 235 7.85 -20.03 -38.57
N TYR A 236 7.27 -20.75 -37.60
CA TYR A 236 5.84 -21.08 -37.62
C TYR A 236 4.97 -19.81 -37.54
N LEU A 237 5.31 -18.90 -36.63
CA LEU A 237 4.53 -17.69 -36.45
C LEU A 237 4.54 -16.82 -37.68
N ALA A 238 5.72 -16.62 -38.27
CA ALA A 238 5.88 -15.80 -39.50
C ALA A 238 5.08 -16.44 -40.67
N GLN A 239 5.16 -17.77 -40.80
CA GLN A 239 4.36 -18.51 -41.80
C GLN A 239 2.87 -18.24 -41.63
N GLN A 240 2.39 -18.23 -40.39
CA GLN A 240 0.99 -18.02 -40.06
C GLN A 240 0.55 -16.57 -40.16
N GLY A 241 1.52 -15.66 -40.32
CA GLY A 241 1.30 -14.24 -40.35
C GLY A 241 0.91 -13.71 -38.97
N ARG A 242 1.48 -14.27 -37.91
CA ARG A 242 1.17 -13.90 -36.52
C ARG A 242 2.32 -13.33 -35.68
N LEU A 243 3.46 -13.01 -36.29
CA LEU A 243 4.60 -12.42 -35.59
C LEU A 243 4.46 -10.94 -35.79
N HIS A 244 3.65 -10.31 -34.94
CA HIS A 244 3.32 -8.90 -35.07
C HIS A 244 4.28 -7.91 -34.47
N TYR A 245 5.11 -8.33 -33.53
CA TYR A 245 5.95 -7.38 -32.79
C TYR A 245 7.08 -8.07 -32.06
N VAL A 246 8.13 -7.33 -31.73
CA VAL A 246 9.34 -7.88 -31.07
C VAL A 246 9.88 -6.84 -30.10
N GLN A 247 10.18 -7.29 -28.87
CA GLN A 247 10.75 -6.47 -27.81
C GLN A 247 12.11 -7.02 -27.34
N VAL A 248 13.08 -6.13 -27.17
CA VAL A 248 14.40 -6.48 -26.64
C VAL A 248 14.42 -5.91 -25.24
N SER A 249 14.71 -6.79 -24.27
CA SER A 249 14.70 -6.47 -22.85
C SER A 249 15.58 -7.46 -22.16
N PRO A 250 16.46 -6.99 -21.23
CA PRO A 250 17.36 -7.91 -20.57
C PRO A 250 16.61 -8.76 -19.52
N PRO A 251 17.19 -9.87 -19.05
CA PRO A 251 16.47 -10.68 -18.03
C PRO A 251 16.03 -9.95 -16.76
N ASP A 252 16.83 -8.99 -16.29
CA ASP A 252 16.48 -8.22 -15.10
C ASP A 252 15.57 -7.02 -15.39
N ARG A 253 15.27 -6.78 -16.67
CA ARG A 253 14.41 -5.72 -17.20
C ARG A 253 15.02 -4.32 -17.08
N GLY A 254 16.30 -4.22 -16.74
CA GLY A 254 17.00 -2.93 -16.56
C GLY A 254 17.92 -2.58 -17.73
N ALA A 255 19.24 -2.49 -17.46
CA ALA A 255 20.23 -2.05 -18.45
C ALA A 255 20.37 -3.07 -19.57
N LEU A 256 20.15 -2.64 -20.80
CA LEU A 256 20.18 -3.57 -21.95
C LEU A 256 21.62 -3.90 -22.42
N HIS A 257 22.57 -3.00 -22.14
CA HIS A 257 23.93 -3.18 -22.61
C HIS A 257 24.86 -4.02 -21.73
N THR A 258 24.42 -4.37 -20.51
CA THR A 258 25.19 -5.23 -19.61
C THR A 258 24.27 -6.35 -19.17
N SER A 259 24.21 -7.39 -19.97
CA SER A 259 23.25 -8.48 -19.64
C SER A 259 23.53 -9.71 -20.40
N TRP A 260 22.81 -10.77 -20.00
CA TRP A 260 22.87 -12.06 -20.66
C TRP A 260 21.83 -12.27 -21.79
N LEU A 261 21.29 -11.20 -22.38
CA LEU A 261 20.36 -11.31 -23.52
C LEU A 261 21.16 -11.97 -24.64
N PRO A 262 20.72 -13.13 -25.14
CA PRO A 262 21.40 -13.88 -26.21
C PRO A 262 21.11 -13.29 -27.59
N TRP A 263 21.74 -12.15 -27.84
CA TRP A 263 21.46 -11.39 -29.04
C TRP A 263 21.42 -12.16 -30.33
N LYS A 264 22.47 -12.96 -30.57
CA LYS A 264 22.60 -13.68 -31.86
C LYS A 264 21.53 -14.74 -32.00
N SER A 265 21.39 -15.57 -30.97
CA SER A 265 20.41 -16.67 -30.98
C SER A 265 18.97 -16.26 -30.94
N PHE A 266 18.70 -15.10 -30.34
CA PHE A 266 17.35 -14.55 -30.26
C PHE A 266 17.01 -13.79 -31.55
N LEU A 267 17.87 -12.88 -32.00
CA LEU A 267 17.57 -12.05 -33.16
C LEU A 267 17.74 -12.68 -34.52
N THR A 268 18.68 -13.60 -34.68
CA THR A 268 18.93 -14.19 -36.01
C THR A 268 17.67 -14.78 -36.67
N PRO A 269 16.93 -15.68 -35.97
CA PRO A 269 15.72 -16.20 -36.62
C PRO A 269 14.61 -15.18 -36.88
N ILE A 270 14.52 -14.16 -36.03
CA ILE A 270 13.51 -13.13 -36.13
C ILE A 270 13.77 -12.21 -37.31
N VAL A 271 14.99 -11.69 -37.42
CA VAL A 271 15.33 -10.74 -38.52
C VAL A 271 15.13 -11.37 -39.94
N LYS A 272 15.24 -12.70 -40.06
CA LYS A 272 14.95 -13.38 -41.32
C LYS A 272 13.52 -13.24 -41.79
N VAL A 273 12.55 -13.21 -40.88
CA VAL A 273 11.11 -13.19 -41.21
C VAL A 273 10.26 -12.01 -40.73
N TYR A 274 10.85 -11.11 -39.95
CA TYR A 274 10.15 -10.00 -39.34
C TYR A 274 10.82 -8.74 -39.79
N ASP A 275 10.05 -7.77 -40.28
CA ASP A 275 10.60 -6.49 -40.69
C ASP A 275 9.93 -5.30 -39.98
N GLY A 276 9.20 -5.58 -38.90
CA GLY A 276 8.54 -4.53 -38.12
C GLY A 276 9.49 -3.82 -37.17
N PRO A 277 8.95 -2.95 -36.30
CA PRO A 277 9.78 -2.23 -35.34
C PRO A 277 10.26 -3.13 -34.20
N ILE A 278 11.47 -2.85 -33.66
CA ILE A 278 12.06 -3.57 -32.52
CA ILE A 278 12.02 -3.59 -32.52
C ILE A 278 11.99 -2.61 -31.34
N ALA A 279 11.23 -2.95 -30.27
CA ALA A 279 11.07 -2.05 -29.11
C ALA A 279 12.01 -2.38 -27.95
N VAL A 280 12.70 -1.37 -27.44
CA VAL A 280 13.52 -1.47 -26.24
C VAL A 280 12.53 -1.34 -25.08
N GLU A 281 12.37 -2.39 -24.27
CA GLU A 281 11.45 -2.35 -23.12
C GLU A 281 12.21 -2.47 -21.79
N ILE A 282 12.48 -1.32 -21.17
CA ILE A 282 13.19 -1.24 -19.92
C ILE A 282 12.18 -0.73 -18.85
N PHE A 283 12.07 -1.48 -17.77
CA PHE A 283 11.20 -1.20 -16.64
C PHE A 283 12.04 -0.46 -15.62
N ASN A 284 11.89 0.86 -15.53
CA ASN A 284 12.67 1.61 -14.55
C ASN A 284 12.18 1.28 -13.11
N ALA A 285 13.05 1.45 -12.11
CA ALA A 285 12.65 1.24 -10.70
C ALA A 285 11.79 2.43 -10.22
N ILE A 286 10.55 2.48 -10.75
CA ILE A 286 9.57 3.50 -10.43
C ILE A 286 8.60 2.81 -9.49
N PRO A 287 7.86 3.58 -8.67
CA PRO A 287 6.91 2.97 -7.73
C PRO A 287 5.99 1.88 -8.29
N ALA A 288 5.56 2.01 -9.55
CA ALA A 288 4.70 1.00 -10.15
C ALA A 288 5.33 -0.40 -10.28
N PHE A 289 6.68 -0.49 -10.34
CA PHE A 289 7.38 -1.74 -10.58
C PHE A 289 8.27 -2.27 -9.48
N THR A 290 8.66 -1.44 -8.50
CA THR A 290 9.62 -1.91 -7.46
C THR A 290 9.15 -3.16 -6.72
N ASN A 291 7.88 -3.17 -6.33
CA ASN A 291 7.32 -4.34 -5.67
C ASN A 291 6.95 -5.49 -6.62
N SER A 292 6.23 -5.20 -7.72
CA SER A 292 5.75 -6.25 -8.64
C SER A 292 6.86 -6.99 -9.37
N LEU A 293 7.95 -6.28 -9.69
CA LEU A 293 9.16 -6.87 -10.30
C LEU A 293 10.31 -7.13 -9.32
N ARG A 294 10.11 -6.84 -8.03
CA ARG A 294 11.10 -7.10 -6.95
C ARG A 294 12.44 -6.49 -7.32
N LEU A 295 12.39 -5.16 -7.53
CA LEU A 295 13.53 -4.44 -8.05
C LEU A 295 14.44 -3.97 -6.92
N THR A 296 15.55 -4.69 -6.77
CA THR A 296 16.56 -4.39 -5.77
C THR A 296 17.59 -3.37 -6.36
N ARG A 297 17.64 -3.26 -7.70
CA ARG A 297 18.55 -2.34 -8.37
C ARG A 297 18.17 -0.87 -8.18
N ARG A 298 19.18 -0.01 -8.25
CA ARG A 298 18.93 1.41 -8.16
C ARG A 298 18.16 1.94 -9.40
N LYS A 299 17.39 2.99 -9.15
CA LYS A 299 16.60 3.67 -10.16
C LYS A 299 17.51 4.40 -11.14
N PHE A 300 17.13 4.38 -12.42
CA PHE A 300 17.80 5.21 -13.44
C PHE A 300 17.02 6.53 -13.31
N TRP A 301 17.59 7.45 -12.53
CA TRP A 301 16.89 8.68 -12.17
C TRP A 301 16.46 9.48 -13.38
N ILE A 302 15.25 10.02 -13.29
CA ILE A 302 14.62 10.71 -14.40
C ILE A 302 14.96 12.21 -14.28
N PRO A 303 15.73 12.77 -15.24
CA PRO A 303 16.07 14.20 -15.18
C PRO A 303 14.84 15.10 -15.12
N ASP A 304 14.88 16.01 -14.14
CA ASP A 304 13.82 16.99 -13.78
C ASP A 304 12.83 16.45 -12.74
N GLU A 305 12.47 15.16 -12.81
CA GLU A 305 11.61 14.59 -11.78
C GLU A 305 12.42 14.29 -10.54
N ASP A 306 13.42 13.42 -10.71
CA ASP A 306 14.24 12.96 -9.61
C ASP A 306 15.46 13.85 -9.45
N PRO A 307 15.95 14.02 -8.21
CA PRO A 307 17.20 14.76 -8.05
C PRO A 307 18.39 13.99 -8.67
N PRO A 308 19.31 14.70 -9.34
CA PRO A 308 20.47 13.99 -9.89
C PRO A 308 21.32 13.29 -8.84
N ASN A 309 21.99 12.23 -9.25
CA ASN A 309 22.92 11.53 -8.39
C ASN A 309 24.04 10.99 -9.25
N GLN A 310 24.99 10.31 -8.65
CA GLN A 310 26.14 9.81 -9.37
C GLN A 310 25.91 8.60 -10.27
N TYR A 311 24.73 7.98 -10.19
CA TYR A 311 24.42 6.77 -10.95
C TYR A 311 23.87 7.13 -12.33
N PRO A 312 23.82 6.14 -13.26
CA PRO A 312 23.23 6.44 -14.57
C PRO A 312 21.77 6.91 -14.50
N ASN A 313 21.44 7.89 -15.36
CA ASN A 313 20.10 8.45 -15.45
C ASN A 313 19.30 7.70 -16.53
N ALA A 314 18.02 8.01 -16.61
CA ALA A 314 17.10 7.38 -17.57
C ALA A 314 17.56 7.49 -19.02
N TYR A 315 18.11 8.66 -19.39
CA TYR A 315 18.57 8.91 -20.74
C TYR A 315 19.87 8.22 -21.08
N ASP A 316 20.76 8.13 -20.11
CA ASP A 316 22.00 7.37 -20.25
C ASP A 316 21.68 5.92 -20.62
N ILE A 317 20.78 5.30 -19.87
CA ILE A 317 20.39 3.90 -20.13
C ILE A 317 19.71 3.75 -21.51
N ALA A 318 18.81 4.68 -21.84
CA ALA A 318 18.08 4.68 -23.14
C ALA A 318 19.04 4.75 -24.32
N ASP A 319 20.05 5.62 -24.21
CA ASP A 319 21.04 5.80 -25.26
C ASP A 319 21.89 4.55 -25.43
N GLU A 320 22.38 3.98 -24.32
CA GLU A 320 23.18 2.75 -24.39
C GLU A 320 22.37 1.60 -24.95
N ALA A 321 21.07 1.59 -24.65
CA ALA A 321 20.13 0.52 -25.12
C ALA A 321 20.02 0.48 -26.67
N ILE A 322 19.82 1.66 -27.29
CA ILE A 322 19.71 1.75 -28.74
C ILE A 322 21.07 1.45 -29.39
N LYS A 323 22.18 1.92 -28.76
CA LYS A 323 23.53 1.67 -29.27
C LYS A 323 23.82 0.18 -29.32
N VAL A 324 23.56 -0.55 -28.23
CA VAL A 324 23.77 -2.01 -28.21
C VAL A 324 22.87 -2.74 -29.21
N THR A 325 21.57 -2.38 -29.26
CA THR A 325 20.60 -3.00 -30.18
C THR A 325 21.06 -2.85 -31.64
N ARG A 326 21.49 -1.65 -32.02
CA ARG A 326 22.00 -1.40 -33.38
C ARG A 326 23.32 -2.14 -33.68
N LYS A 327 24.21 -2.22 -32.67
CA LYS A 327 25.48 -2.92 -32.78
C LYS A 327 25.22 -4.39 -33.08
N GLU A 328 24.30 -4.96 -32.32
CA GLU A 328 23.96 -6.37 -32.43
C GLU A 328 23.18 -6.73 -33.68
N LEU A 329 22.28 -5.82 -34.06
CA LEU A 329 21.57 -5.94 -35.34
C LEU A 329 22.58 -5.85 -36.49
N LYS A 330 23.53 -4.92 -36.42
CA LYS A 330 24.58 -4.79 -37.45
C LYS A 330 25.39 -6.08 -37.61
N LYS A 331 25.70 -6.77 -36.51
CA LYS A 331 26.42 -8.05 -36.54
C LYS A 331 25.69 -9.15 -37.28
N ILE A 332 24.37 -9.15 -37.22
CA ILE A 332 23.54 -10.17 -37.88
C ILE A 332 23.46 -9.92 -39.39
N GLY A 333 23.50 -8.65 -39.83
CA GLY A 333 23.46 -8.30 -41.26
C GLY A 333 24.74 -8.69 -42.02
N SER B 9 -15.31 15.94 37.08
CA SER B 9 -14.31 14.99 36.47
C SER B 9 -13.83 15.54 35.11
N ASP B 10 -12.51 15.60 34.90
CA ASP B 10 -11.98 16.03 33.61
C ASP B 10 -12.21 14.95 32.56
N ILE B 11 -12.74 15.38 31.41
CA ILE B 11 -12.98 14.52 30.25
CA ILE B 11 -12.95 14.50 30.27
C ILE B 11 -12.03 14.99 29.15
N TYR B 12 -11.22 14.08 28.64
CA TYR B 12 -10.28 14.37 27.53
C TYR B 12 -10.80 13.65 26.27
N ILE B 13 -10.18 13.94 25.13
CA ILE B 13 -10.49 13.28 23.86
C ILE B 13 -9.21 13.05 23.09
N SER B 14 -9.14 11.88 22.48
CA SER B 14 -8.00 11.50 21.65
C SER B 14 -7.98 12.20 20.28
N PHE B 15 -6.78 12.56 19.85
CA PHE B 15 -6.53 13.07 18.51
C PHE B 15 -6.60 11.99 17.43
N PHE B 16 -6.89 10.73 17.81
CA PHE B 16 -7.24 9.70 16.83
C PHE B 16 -8.58 9.99 16.08
N MSE B 17 -9.33 10.99 16.52
CA MSE B 17 -10.42 11.53 15.74
C MSE B 17 -9.91 12.15 14.43
O MSE B 17 -10.65 12.21 13.44
CB MSE B 17 -11.22 12.56 16.55
CG MSE B 17 -12.38 13.22 15.83
SE MSE B 17 -13.78 11.85 15.43
CE MSE B 17 -14.76 11.99 16.96
N PHE B 18 -8.66 12.60 14.43
CA PHE B 18 -8.04 13.28 13.29
C PHE B 18 -6.76 12.72 12.68
N THR B 19 -5.89 12.13 13.49
CA THR B 19 -4.56 11.80 13.03
C THR B 19 -3.83 10.83 13.95
N THR B 20 -2.73 10.29 13.45
CA THR B 20 -1.78 9.52 14.27
C THR B 20 -0.45 10.27 14.37
N ASN B 21 -0.33 11.46 13.78
CA ASN B 21 0.93 12.19 13.75
C ASN B 21 0.63 13.65 13.98
N LEU B 22 1.13 14.18 15.09
CA LEU B 22 0.93 15.59 15.47
C LEU B 22 1.79 16.58 14.67
N GLN B 23 2.77 16.08 13.90
CA GLN B 23 3.64 16.91 13.04
C GLN B 23 4.04 18.22 13.74
N PRO B 24 4.68 18.10 14.92
CA PRO B 24 5.01 19.26 15.75
C PRO B 24 5.93 20.32 15.08
N ASP B 25 6.80 19.87 14.18
CA ASP B 25 7.67 20.76 13.38
C ASP B 25 6.92 21.51 12.23
N ASN B 26 5.72 21.05 11.87
CA ASN B 26 4.90 21.61 10.79
C ASN B 26 4.09 22.79 11.29
N LEU B 27 4.52 23.99 10.92
CA LEU B 27 3.89 25.23 11.35
C LEU B 27 2.43 25.42 10.90
N ASP B 28 2.11 24.96 9.70
CA ASP B 28 0.72 24.99 9.21
C ASP B 28 -0.19 24.03 9.99
N TYR B 29 0.30 22.83 10.28
CA TYR B 29 -0.45 21.84 11.05
C TYR B 29 -0.73 22.29 12.49
N ARG B 30 0.20 23.04 13.10
CA ARG B 30 -0.01 23.59 14.47
C ARG B 30 -1.29 24.39 14.59
N ARG B 31 -1.61 25.14 13.52
CA ARG B 31 -2.84 25.96 13.48
C ARG B 31 -4.04 25.05 13.46
N ILE B 32 -3.91 23.94 12.72
CA ILE B 32 -5.00 22.94 12.61
C ILE B 32 -5.24 22.31 14.01
N VAL B 33 -4.17 21.86 14.66
CA VAL B 33 -4.23 21.32 16.03
C VAL B 33 -4.92 22.28 17.00
N VAL B 34 -4.47 23.55 17.03
CA VAL B 34 -5.06 24.58 17.90
C VAL B 34 -6.58 24.83 17.60
N ALA B 35 -6.91 24.88 16.30
CA ALA B 35 -8.28 25.02 15.81
C ALA B 35 -9.18 23.92 16.37
N HIS B 36 -8.72 22.66 16.23
CA HIS B 36 -9.45 21.50 16.76
C HIS B 36 -9.64 21.58 18.29
N ILE B 37 -8.57 21.94 19.02
CA ILE B 37 -8.64 22.07 20.49
C ILE B 37 -9.65 23.12 20.87
N LYS B 38 -9.56 24.32 20.30
CA LYS B 38 -10.53 25.40 20.63
C LYS B 38 -11.99 25.00 20.37
N LYS B 39 -12.22 24.30 19.27
CA LYS B 39 -13.57 23.78 18.97
C LYS B 39 -14.04 22.73 20.00
N LEU B 40 -13.19 21.74 20.27
CA LEU B 40 -13.52 20.68 21.25
C LEU B 40 -13.67 21.20 22.69
N GLN B 41 -12.91 22.23 23.07
CA GLN B 41 -13.07 22.86 24.39
C GLN B 41 -14.46 23.39 24.68
N ARG B 42 -15.12 23.94 23.66
CA ARG B 42 -16.50 24.43 23.78
C ARG B 42 -17.49 23.34 24.15
N PHE B 43 -17.18 22.10 23.79
CA PHE B 43 -18.02 20.99 24.21
C PHE B 43 -17.78 20.57 25.68
N GLY B 44 -16.71 21.10 26.32
CA GLY B 44 -16.35 20.74 27.70
C GLY B 44 -15.11 19.88 27.86
N TYR B 45 -14.36 19.60 26.80
CA TYR B 45 -13.14 18.79 26.89
C TYR B 45 -12.07 19.65 27.53
N SER B 46 -11.35 19.10 28.51
CA SER B 46 -10.31 19.84 29.24
C SER B 46 -8.91 19.37 28.97
N GLY B 47 -8.77 18.38 28.09
CA GLY B 47 -7.46 17.85 27.76
C GLY B 47 -7.51 16.95 26.56
N PHE B 48 -6.35 16.61 26.04
CA PHE B 48 -6.23 15.88 24.79
C PHE B 48 -5.16 14.81 24.81
N GLU B 49 -5.46 13.65 24.21
CA GLU B 49 -4.50 12.56 24.09
CA GLU B 49 -4.50 12.55 24.06
C GLU B 49 -3.79 12.70 22.73
N PHE B 50 -2.49 12.96 22.78
CA PHE B 50 -1.64 13.11 21.59
C PHE B 50 -0.86 11.82 21.29
N PRO B 51 -1.18 11.15 20.15
CA PRO B 51 -0.28 10.07 19.79
C PRO B 51 1.09 10.61 19.37
N ILE B 52 2.16 9.88 19.74
CA ILE B 52 3.52 10.22 19.39
C ILE B 52 4.00 9.23 18.37
N ALA B 53 4.04 9.70 17.12
CA ALA B 53 4.51 8.92 16.01
C ALA B 53 5.99 8.59 16.21
N PRO B 54 6.37 7.33 15.96
CA PRO B 54 7.75 6.97 16.09
C PRO B 54 8.60 7.53 14.96
N GLY B 55 9.91 7.58 15.18
CA GLY B 55 10.84 8.11 14.21
C GLY B 55 12.13 7.34 14.27
N LEU B 56 13.20 8.02 13.83
CA LEU B 56 14.54 7.46 13.80
C LEU B 56 15.23 7.75 15.12
N PRO B 57 16.08 6.81 15.60
CA PRO B 57 16.73 7.01 16.89
C PRO B 57 17.74 8.14 16.95
N GLU B 58 18.22 8.62 15.80
CA GLU B 58 19.14 9.77 15.78
C GLU B 58 18.46 11.08 16.03
N ASN B 59 17.13 11.11 15.95
CA ASN B 59 16.36 12.35 16.11
C ASN B 59 15.71 12.63 17.47
N TYR B 60 16.10 11.93 18.52
CA TYR B 60 15.43 12.11 19.81
C TYR B 60 15.51 13.53 20.37
N ALA B 61 16.68 14.16 20.30
CA ALA B 61 16.80 15.54 20.81
C ALA B 61 15.96 16.56 20.01
N GLN B 62 15.89 16.36 18.70
CA GLN B 62 15.10 17.23 17.80
C GLN B 62 13.60 17.01 18.07
N ASP B 63 13.18 15.75 18.22
CA ASP B 63 11.79 15.48 18.63
C ASP B 63 11.40 16.22 19.90
N LEU B 64 12.28 16.18 20.90
CA LEU B 64 12.06 16.84 22.18
C LEU B 64 11.89 18.38 21.96
N GLU B 65 12.76 18.95 21.14
CA GLU B 65 12.66 20.36 20.75
C GLU B 65 11.34 20.64 20.02
N ASN B 66 10.97 19.81 19.04
CA ASN B 66 9.72 20.04 18.28
C ASN B 66 8.45 20.02 19.15
N TYR B 67 8.32 18.98 19.99
CA TYR B 67 7.18 18.90 20.90
C TYR B 67 7.16 20.00 21.97
N THR B 68 8.34 20.38 22.45
CA THR B 68 8.49 21.56 23.37
C THR B 68 7.98 22.85 22.68
N ASN B 69 8.37 23.05 21.43
CA ASN B 69 7.88 24.18 20.62
C ASN B 69 6.37 24.10 20.41
N LEU B 70 5.82 22.88 20.24
CA LEU B 70 4.37 22.71 20.10
C LEU B 70 3.64 23.12 21.38
N ARG B 71 4.14 22.66 22.53
CA ARG B 71 3.58 23.02 23.83
C ARG B 71 3.58 24.55 23.99
N HIS B 72 4.70 25.19 23.64
CA HIS B 72 4.83 26.67 23.74
C HIS B 72 3.91 27.43 22.78
N TYR B 73 3.68 26.87 21.59
CA TYR B 73 2.70 27.44 20.64
C TYR B 73 1.29 27.36 21.21
N LEU B 74 0.88 26.21 21.77
CA LEU B 74 -0.43 26.06 22.39
C LEU B 74 -0.60 27.12 23.49
N ASP B 75 0.42 27.24 24.34
CA ASP B 75 0.44 28.22 25.44
C ASP B 75 0.26 29.66 24.94
N SER B 76 1.00 30.02 23.89
CA SER B 76 0.89 31.36 23.29
C SER B 76 -0.48 31.64 22.61
N GLU B 77 -1.20 30.57 22.24
CA GLU B 77 -2.56 30.68 21.67
C GLU B 77 -3.66 30.63 22.74
N GLY B 78 -3.32 30.87 24.00
CA GLY B 78 -4.27 30.88 25.07
C GLY B 78 -4.66 29.52 25.61
N LEU B 79 -3.84 28.48 25.36
CA LEU B 79 -4.18 27.12 25.81
C LEU B 79 -3.23 26.60 26.91
N GLU B 80 -2.77 27.53 27.77
CA GLU B 80 -1.91 27.21 28.93
C GLU B 80 -2.50 26.11 29.82
N ASN B 81 -3.80 26.21 30.07
CA ASN B 81 -4.52 25.29 30.96
C ASN B 81 -4.95 23.96 30.33
N VAL B 82 -4.67 23.77 29.04
CA VAL B 82 -5.05 22.54 28.33
C VAL B 82 -4.06 21.44 28.68
N LYS B 83 -4.56 20.33 29.18
CA LYS B 83 -3.72 19.20 29.59
C LYS B 83 -3.54 18.23 28.41
N ILE B 84 -2.44 17.51 28.43
CA ILE B 84 -2.08 16.55 27.38
C ILE B 84 -1.62 15.22 27.97
N SER B 85 -2.17 14.10 27.50
CA SER B 85 -1.62 12.78 27.80
C SER B 85 -1.11 12.30 26.45
N THR B 86 -0.21 11.31 26.47
CA THR B 86 0.34 10.76 25.25
C THR B 86 -0.01 9.28 25.04
N ASN B 87 -0.07 8.89 23.77
CA ASN B 87 -0.23 7.49 23.35
C ASN B 87 1.06 7.10 22.63
N VAL B 88 1.75 6.10 23.18
CA VAL B 88 3.02 5.59 22.67
C VAL B 88 2.98 4.07 22.54
N GLY B 89 3.56 3.54 21.49
CA GLY B 89 3.63 2.09 21.31
C GLY B 89 5.02 1.61 20.98
N ALA B 90 5.34 0.39 21.47
CA ALA B 90 6.55 -0.33 21.08
C ALA B 90 6.36 -0.68 19.57
N THR B 91 7.49 -0.85 18.87
CA THR B 91 7.50 -1.17 17.46
C THR B 91 8.33 -2.41 17.27
N ARG B 92 8.24 -3.02 16.09
CA ARG B 92 9.02 -4.23 15.77
C ARG B 92 10.53 -4.01 16.06
N THR B 93 11.04 -2.82 15.76
CA THR B 93 12.46 -2.50 16.02
C THR B 93 12.63 -2.15 17.50
N PHE B 94 11.82 -1.22 17.99
CA PHE B 94 11.89 -0.76 19.39
C PHE B 94 11.01 -1.65 20.26
N ASP B 95 11.52 -2.87 20.46
CA ASP B 95 10.84 -3.94 21.18
C ASP B 95 11.54 -4.28 22.49
N PRO B 96 10.95 -3.88 23.64
CA PRO B 96 11.57 -4.22 24.95
C PRO B 96 11.49 -5.69 25.32
N SER B 97 10.63 -6.44 24.63
CA SER B 97 10.47 -7.86 24.84
C SER B 97 11.41 -8.71 23.97
N SER B 98 12.35 -8.09 23.24
CA SER B 98 13.29 -8.83 22.39
C SER B 98 14.20 -9.78 23.16
N ASN B 99 14.59 -10.88 22.52
CA ASN B 99 15.59 -11.78 23.10
C ASN B 99 17.00 -11.20 23.14
N TYR B 100 17.25 -10.10 22.42
CA TYR B 100 18.59 -9.55 22.22
C TYR B 100 18.76 -8.32 23.09
N PRO B 101 19.74 -8.34 24.01
CA PRO B 101 19.94 -7.19 24.90
C PRO B 101 20.08 -5.83 24.22
N GLU B 102 20.78 -5.73 23.09
CA GLU B 102 20.97 -4.39 22.46
C GLU B 102 19.66 -3.87 21.86
N GLN B 103 18.79 -4.79 21.42
CA GLN B 103 17.47 -4.45 20.95
C GLN B 103 16.63 -3.91 22.14
N ARG B 104 16.71 -4.58 23.31
CA ARG B 104 15.99 -4.12 24.49
C ARG B 104 16.46 -2.75 24.95
N GLN B 105 17.77 -2.54 24.91
CA GLN B 105 18.38 -1.24 25.30
CA GLN B 105 18.35 -1.25 25.32
C GLN B 105 17.94 -0.10 24.38
N GLU B 106 17.89 -0.38 23.08
CA GLU B 106 17.44 0.60 22.11
C GLU B 106 15.93 0.90 22.30
N ALA B 107 15.12 -0.14 22.58
CA ALA B 107 13.69 0.00 22.96
C ALA B 107 13.60 0.91 24.21
N LEU B 108 14.41 0.62 25.25
CA LEU B 108 14.44 1.46 26.46
C LEU B 108 14.74 2.92 26.14
N GLU B 109 15.73 3.17 25.30
CA GLU B 109 16.10 4.58 24.93
C GLU B 109 14.97 5.30 24.19
N TYR B 110 14.27 4.57 23.32
CA TYR B 110 13.05 5.10 22.59
C TYR B 110 11.95 5.49 23.55
N LEU B 111 11.62 4.60 24.47
CA LEU B 111 10.59 4.85 25.50
C LEU B 111 10.98 6.00 26.43
N LYS B 112 12.26 6.09 26.80
CA LYS B 112 12.77 7.24 27.63
C LYS B 112 12.62 8.56 26.86
N SER B 113 12.94 8.55 25.58
CA SER B 113 12.69 9.72 24.70
C SER B 113 11.22 10.16 24.76
N ARG B 114 10.33 9.18 24.65
CA ARG B 114 8.89 9.42 24.68
C ARG B 114 8.39 9.88 26.04
N VAL B 115 9.05 9.44 27.13
CA VAL B 115 8.76 9.97 28.47
C VAL B 115 9.15 11.48 28.52
N ASP B 116 10.30 11.81 27.93
CA ASP B 116 10.75 13.24 27.88
C ASP B 116 9.79 14.14 27.07
N ILE B 117 9.26 13.61 25.97
CA ILE B 117 8.28 14.29 25.11
C ILE B 117 6.96 14.49 25.86
N THR B 118 6.52 13.48 26.61
CA THR B 118 5.30 13.58 27.41
C THR B 118 5.39 14.72 28.44
N ALA B 119 6.51 14.73 29.15
CA ALA B 119 6.82 15.69 30.19
C ALA B 119 6.90 17.08 29.55
N ALA B 120 7.54 17.18 28.41
CA ALA B 120 7.64 18.46 27.63
C ALA B 120 6.30 19.05 27.19
N LEU B 121 5.29 18.18 27.02
CA LEU B 121 3.94 18.62 26.70
C LEU B 121 3.11 18.84 27.97
N GLY B 122 3.74 18.86 29.15
CA GLY B 122 3.05 19.00 30.41
C GLY B 122 2.29 17.76 30.82
N GLY B 123 2.60 16.64 30.20
CA GLY B 123 1.85 15.41 30.46
C GLY B 123 2.30 14.70 31.71
N GLU B 124 1.33 14.12 32.41
CA GLU B 124 1.59 13.29 33.58
C GLU B 124 1.27 11.82 33.30
N ILE B 125 0.72 11.52 32.12
CA ILE B 125 0.28 10.13 31.80
C ILE B 125 0.74 9.84 30.37
N MSE B 126 1.59 8.80 30.23
CA MSE B 126 2.00 8.23 28.94
C MSE B 126 1.41 6.83 28.93
O MSE B 126 1.70 6.07 29.81
CB MSE B 126 3.51 8.15 28.83
CG MSE B 126 4.02 7.42 27.61
SE MSE B 126 5.86 7.63 27.30
CE MSE B 126 6.37 5.72 27.11
N MSE B 127 0.60 6.50 27.91
CA MSE B 127 -0.08 5.21 27.83
C MSE B 127 0.10 4.49 26.51
O MSE B 127 0.46 5.09 25.49
CB MSE B 127 -1.57 5.41 28.04
CG MSE B 127 -2.18 6.39 27.00
SE MSE B 127 -3.83 5.82 26.39
CE MSE B 127 -3.39 4.10 25.58
N GLY B 128 -0.21 3.19 26.48
CA GLY B 128 -0.20 2.44 25.25
C GLY B 128 0.42 1.07 25.31
N PRO B 129 0.57 0.44 24.14
CA PRO B 129 1.15 -0.89 24.03
C PRO B 129 2.67 -0.81 24.02
N ILE B 130 3.26 -0.62 25.20
CA ILE B 130 4.71 -0.47 25.40
C ILE B 130 5.49 -1.68 25.87
N VAL B 131 4.87 -2.87 25.83
CA VAL B 131 5.50 -4.13 26.21
C VAL B 131 5.80 -4.95 24.95
N ILE B 132 4.74 -5.45 24.28
CA ILE B 132 4.82 -6.21 23.02
C ILE B 132 4.50 -5.20 21.91
N PRO B 133 5.32 -5.13 20.82
CA PRO B 133 5.13 -4.24 19.66
C PRO B 133 3.71 -4.31 19.10
N TYR B 134 3.05 -3.17 18.99
CA TYR B 134 1.64 -3.12 18.57
C TYR B 134 1.41 -3.71 17.17
N GLY B 135 0.48 -4.67 17.11
CA GLY B 135 0.10 -5.32 15.87
C GLY B 135 1.12 -6.21 15.23
N VAL B 136 2.23 -6.51 15.90
CA VAL B 136 3.28 -7.33 15.30
C VAL B 136 3.02 -8.77 15.80
N PHE B 137 2.14 -9.43 15.06
CA PHE B 137 1.80 -10.81 15.39
C PHE B 137 3.00 -11.69 14.99
N PRO B 138 3.53 -12.48 15.93
CA PRO B 138 4.73 -13.22 15.60
C PRO B 138 4.53 -14.38 14.62
N THR B 139 5.55 -14.62 13.82
CA THR B 139 5.51 -15.68 12.84
C THR B 139 6.78 -16.53 12.95
N THR B 140 6.72 -17.74 12.41
CA THR B 140 7.91 -18.59 12.33
C THR B 140 8.84 -18.01 11.26
N ASP B 141 10.06 -18.54 11.15
CA ASP B 141 11.00 -18.07 10.10
C ASP B 141 10.49 -18.26 8.66
N PHE B 142 9.59 -19.25 8.49
CA PHE B 142 8.90 -19.55 7.25
C PHE B 142 7.59 -18.74 7.07
N ASN B 143 7.38 -17.70 7.90
CA ASN B 143 6.20 -16.81 7.89
C ASN B 143 4.89 -17.49 8.23
N GLU B 144 4.93 -18.56 9.00
CA GLU B 144 3.71 -19.22 9.46
C GLU B 144 3.22 -18.53 10.74
N PRO B 145 1.91 -18.31 10.87
CA PRO B 145 1.41 -17.68 12.08
C PRO B 145 1.51 -18.53 13.32
N ILE B 146 1.63 -17.84 14.44
CA ILE B 146 1.72 -18.45 15.75
C ILE B 146 0.53 -17.93 16.54
N TRP B 147 -0.34 -18.87 16.94
CA TRP B 147 -1.56 -18.57 17.69
C TRP B 147 -1.76 -19.44 18.89
N SER B 148 -2.76 -19.05 19.67
CA SER B 148 -3.30 -19.88 20.74
C SER B 148 -2.25 -20.41 21.76
N ASP B 149 -2.27 -21.69 22.14
CA ASP B 149 -1.32 -22.20 23.14
C ASP B 149 0.16 -21.95 22.77
N GLU B 150 0.51 -22.12 21.50
CA GLU B 150 1.88 -21.89 21.06
C GLU B 150 2.28 -20.41 21.25
N LEU B 151 1.36 -19.51 20.94
CA LEU B 151 1.62 -18.07 21.14
C LEU B 151 1.79 -17.75 22.63
N GLN B 152 0.89 -18.27 23.47
CA GLN B 152 0.96 -18.05 24.92
C GLN B 152 2.30 -18.52 25.51
N GLU B 153 2.80 -19.64 25.05
CA GLU B 153 4.13 -20.12 25.45
C GLU B 153 5.25 -19.16 24.99
N HIS B 154 5.12 -18.69 23.75
CA HIS B 154 6.04 -17.74 23.15
C HIS B 154 6.01 -16.43 23.97
N LEU B 155 4.82 -15.95 24.32
CA LEU B 155 4.67 -14.69 25.11
C LEU B 155 5.29 -14.77 26.52
N LYS B 156 5.31 -15.95 27.15
CA LYS B 156 6.00 -16.10 28.47
C LYS B 156 7.44 -15.62 28.42
N VAL B 157 8.14 -15.97 27.33
CA VAL B 157 9.55 -15.56 27.15
C VAL B 157 9.63 -14.06 26.87
N ARG B 158 8.72 -13.56 26.03
CA ARG B 158 8.69 -12.13 25.67
C ARG B 158 8.46 -11.28 26.91
N TYR B 159 7.47 -11.67 27.71
CA TYR B 159 7.13 -10.99 28.97
C TYR B 159 8.30 -11.01 29.93
N ALA B 160 8.93 -12.19 30.09
CA ALA B 160 10.13 -12.29 30.96
C ALA B 160 11.22 -11.34 30.49
N ASN B 161 11.43 -11.23 29.17
CA ASN B 161 12.45 -10.33 28.60
C ASN B 161 12.17 -8.88 28.92
N ALA B 162 10.91 -8.48 28.79
CA ALA B 162 10.48 -7.08 29.00
C ALA B 162 10.38 -6.62 30.45
N GLN B 163 10.09 -7.50 31.40
CA GLN B 163 9.94 -7.04 32.81
C GLN B 163 11.00 -6.08 33.37
N PRO B 164 12.31 -6.45 33.25
CA PRO B 164 13.38 -5.57 33.71
C PRO B 164 13.50 -4.22 33.00
N ILE B 165 13.17 -4.20 31.71
CA ILE B 165 13.20 -2.96 30.91
C ILE B 165 12.07 -1.98 31.33
N LEU B 166 10.87 -2.51 31.54
CA LEU B 166 9.75 -1.71 32.00
C LEU B 166 10.02 -1.20 33.42
N ASP B 167 10.68 -2.00 34.24
CA ASP B 167 11.02 -1.53 35.58
C ASP B 167 12.02 -0.36 35.52
N LYS B 168 13.04 -0.45 34.67
CA LYS B 168 13.99 0.67 34.50
C LYS B 168 13.34 1.93 33.95
N LEU B 169 12.38 1.73 33.03
CA LEU B 169 11.59 2.83 32.48
C LEU B 169 10.76 3.47 33.57
N GLY B 170 10.17 2.63 34.44
CA GLY B 170 9.38 3.10 35.57
C GLY B 170 10.18 4.03 36.48
N GLU B 171 11.41 3.61 36.82
CA GLU B 171 12.33 4.42 37.66
C GLU B 171 12.61 5.78 37.03
N TYR B 172 12.85 5.75 35.71
CA TYR B 172 13.09 6.98 34.92
C TYR B 172 11.80 7.85 34.85
N ALA B 173 10.67 7.22 34.56
CA ALA B 173 9.39 7.96 34.51
C ALA B 173 8.97 8.62 35.88
N GLU B 174 9.30 7.96 37.00
CA GLU B 174 9.03 8.48 38.35
C GLU B 174 9.81 9.81 38.54
N ILE B 175 11.06 9.84 38.10
CA ILE B 175 11.89 11.06 38.16
C ILE B 175 11.22 12.19 37.37
N LYS B 176 10.79 11.89 36.14
CA LYS B 176 10.14 12.87 35.24
C LYS B 176 8.64 13.15 35.56
N LYS B 177 8.08 12.50 36.58
CA LYS B 177 6.68 12.69 37.03
C LYS B 177 5.65 12.32 35.94
N VAL B 178 5.91 11.22 35.23
CA VAL B 178 5.02 10.71 34.17
C VAL B 178 4.63 9.29 34.56
N LYS B 179 3.33 9.05 34.79
CA LYS B 179 2.81 7.69 35.07
C LYS B 179 2.80 6.93 33.74
N LEU B 180 3.13 5.63 33.76
CA LEU B 180 3.13 4.77 32.59
C LEU B 180 1.94 3.84 32.68
N ALA B 181 1.00 3.94 31.74
CA ALA B 181 -0.24 3.17 31.74
C ALA B 181 -0.19 2.17 30.57
N ILE B 182 0.17 0.92 30.85
CA ILE B 182 0.24 -0.13 29.81
C ILE B 182 -1.21 -0.53 29.46
N GLU B 183 -1.46 -0.76 28.16
CA GLU B 183 -2.81 -1.00 27.67
C GLU B 183 -3.08 -2.44 27.22
N PRO B 184 -4.04 -3.16 27.89
CA PRO B 184 -4.52 -4.43 27.32
C PRO B 184 -5.30 -4.06 26.06
N ILE B 185 -4.96 -4.71 24.94
CA ILE B 185 -5.56 -4.45 23.66
C ILE B 185 -6.10 -5.74 23.12
N THR B 186 -7.25 -5.65 22.47
CA THR B 186 -7.92 -6.81 21.89
C THR B 186 -7.04 -7.68 20.99
N HIS B 187 -7.29 -8.99 21.02
CA HIS B 187 -6.62 -9.95 20.15
C HIS B 187 -6.76 -9.61 18.65
N TRP B 188 -7.82 -8.90 18.29
CA TRP B 188 -8.03 -8.43 16.91
C TRP B 188 -6.93 -7.48 16.42
N GLU B 189 -6.29 -6.74 17.32
CA GLU B 189 -5.27 -5.75 16.98
C GLU B 189 -3.85 -6.15 17.28
N THR B 190 -3.62 -6.98 18.30
CA THR B 190 -2.28 -7.29 18.79
C THR B 190 -2.19 -8.69 19.46
N PRO B 191 -1.00 -9.33 19.42
CA PRO B 191 -0.88 -10.65 20.05
C PRO B 191 -1.00 -10.66 21.58
N GLY B 192 -0.68 -9.55 22.22
CA GLY B 192 -0.78 -9.46 23.67
C GLY B 192 -0.05 -8.22 24.22
N PRO B 193 -0.24 -7.88 25.49
CA PRO B 193 -1.26 -8.49 26.41
C PRO B 193 -2.65 -8.05 25.97
N ASN B 194 -3.60 -9.00 25.93
CA ASN B 194 -4.98 -8.74 25.47
C ASN B 194 -6.00 -8.50 26.57
N LYS B 195 -5.80 -9.17 27.70
CA LYS B 195 -6.73 -9.14 28.84
C LYS B 195 -6.04 -8.51 30.03
N LEU B 196 -6.85 -7.94 30.93
CA LEU B 196 -6.34 -7.34 32.17
C LEU B 196 -5.65 -8.42 33.02
N SER B 197 -6.15 -9.68 32.99
CA SER B 197 -5.49 -10.78 33.72
C SER B 197 -4.03 -11.06 33.27
N GLN B 198 -3.78 -10.93 31.96
CA GLN B 198 -2.46 -11.10 31.40
C GLN B 198 -1.54 -9.95 31.78
N LEU B 199 -2.08 -8.73 31.73
CA LEU B 199 -1.30 -7.55 32.14
C LEU B 199 -0.98 -7.58 33.65
N ILE B 200 -1.94 -7.97 34.48
CA ILE B 200 -1.76 -8.12 35.92
C ILE B 200 -0.62 -9.10 36.18
N GLU B 201 -0.67 -10.27 35.53
CA GLU B 201 0.38 -11.26 35.66
C GLU B 201 1.75 -10.69 35.25
N PHE B 202 1.79 -9.91 34.15
CA PHE B 202 3.04 -9.26 33.70
C PHE B 202 3.57 -8.34 34.77
N LEU B 203 2.70 -7.56 35.38
CA LEU B 203 3.11 -6.55 36.39
C LEU B 203 3.62 -7.14 37.71
N LYS B 204 3.30 -8.40 38.00
CA LYS B 204 3.83 -9.06 39.18
C LYS B 204 5.38 -9.06 39.18
N GLY B 205 5.99 -9.15 38.00
CA GLY B 205 7.44 -9.10 37.84
C GLY B 205 8.05 -7.72 37.63
N VAL B 206 7.27 -6.66 37.87
CA VAL B 206 7.74 -5.26 37.70
C VAL B 206 7.63 -4.57 39.03
N LYS B 207 8.75 -4.10 39.55
CA LYS B 207 8.82 -3.50 40.90
C LYS B 207 8.24 -2.11 40.95
N SER B 208 8.57 -1.31 39.95
CA SER B 208 8.08 0.09 39.87
C SER B 208 6.56 0.22 39.72
N LYS B 209 5.94 0.77 40.76
CA LYS B 209 4.50 1.08 40.71
C LYS B 209 4.18 2.22 39.73
N GLN B 210 5.20 2.94 39.28
CA GLN B 210 5.05 3.97 38.23
C GLN B 210 4.52 3.34 36.91
N VAL B 211 4.84 2.05 36.71
CA VAL B 211 4.37 1.24 35.59
C VAL B 211 3.04 0.62 36.04
N GLY B 212 1.94 1.13 35.48
CA GLY B 212 0.64 0.61 35.78
C GLY B 212 -0.16 0.27 34.52
N VAL B 213 -1.46 0.52 34.63
CA VAL B 213 -2.46 0.16 33.64
CA VAL B 213 -2.40 0.19 33.55
C VAL B 213 -3.36 1.31 33.18
N VAL B 214 -3.78 1.25 31.90
CA VAL B 214 -4.87 2.06 31.38
C VAL B 214 -5.95 1.00 31.16
N ILE B 215 -7.18 1.27 31.60
CA ILE B 215 -8.33 0.37 31.28
C ILE B 215 -9.13 1.07 30.14
N ASP B 216 -9.20 0.43 28.96
CA ASP B 216 -10.00 0.91 27.82
C ASP B 216 -11.25 0.05 27.75
N SER B 217 -12.43 0.67 27.80
CA SER B 217 -13.69 -0.07 27.78
C SER B 217 -13.86 -1.00 26.56
N ALA B 218 -13.45 -0.54 25.38
CA ALA B 218 -13.59 -1.34 24.11
C ALA B 218 -12.78 -2.63 24.23
N HIS B 219 -11.56 -2.50 24.73
CA HIS B 219 -10.70 -3.68 24.92
C HIS B 219 -11.18 -4.59 26.03
N GLU B 220 -11.75 -4.00 27.09
CA GLU B 220 -12.27 -4.80 28.22
C GLU B 220 -13.47 -5.62 27.76
N ILE B 221 -14.33 -5.00 26.97
CA ILE B 221 -15.55 -5.71 26.50
C ILE B 221 -15.21 -6.80 25.50
N LEU B 222 -14.26 -6.53 24.60
CA LEU B 222 -13.93 -7.49 23.54
C LEU B 222 -13.26 -8.80 23.99
N ASP B 223 -12.37 -8.70 25.00
CA ASP B 223 -11.51 -9.77 25.51
C ASP B 223 -11.65 -10.10 27.01
N GLY B 224 -12.31 -9.24 27.80
CA GLY B 224 -12.43 -9.39 29.24
C GLY B 224 -13.31 -10.47 29.79
N GLU B 225 -13.27 -10.63 31.12
CA GLU B 225 -13.90 -11.78 31.79
C GLU B 225 -15.25 -11.51 32.45
N GLY B 226 -15.84 -10.37 32.12
CA GLY B 226 -17.14 -10.00 32.61
C GLY B 226 -17.16 -9.09 33.80
N PRO B 227 -18.33 -8.53 34.11
CA PRO B 227 -18.40 -7.55 35.20
C PRO B 227 -18.02 -8.03 36.62
N GLU B 228 -18.29 -9.31 36.98
CA GLU B 228 -17.95 -9.80 38.35
C GLU B 228 -16.41 -9.88 38.56
N ILE B 229 -15.72 -10.52 37.61
CA ILE B 229 -14.26 -10.64 37.64
C ILE B 229 -13.64 -9.23 37.52
N PHE B 230 -14.16 -8.41 36.62
CA PHE B 230 -13.62 -7.02 36.39
C PHE B 230 -13.61 -6.17 37.66
N LYS B 231 -14.69 -6.24 38.44
CA LYS B 231 -14.77 -5.47 39.71
C LYS B 231 -13.58 -5.81 40.64
N THR B 232 -13.31 -7.11 40.73
CA THR B 232 -12.24 -7.63 41.57
C THR B 232 -10.89 -7.19 41.04
N GLN B 233 -10.75 -7.18 39.72
CA GLN B 233 -9.51 -6.70 39.06
C GLN B 233 -9.31 -5.21 39.31
N VAL B 234 -10.37 -4.43 39.18
CA VAL B 234 -10.29 -2.98 39.45
C VAL B 234 -9.90 -2.67 40.92
N GLU B 235 -10.53 -3.36 41.85
CA GLU B 235 -10.20 -3.23 43.28
C GLU B 235 -8.70 -3.57 43.58
N TYR B 236 -8.22 -4.64 42.96
CA TYR B 236 -6.82 -5.08 43.05
C TYR B 236 -5.83 -4.03 42.53
N LEU B 237 -6.08 -3.48 41.33
CA LEU B 237 -5.22 -2.46 40.71
C LEU B 237 -5.14 -1.20 41.58
N ALA B 238 -6.28 -0.82 42.16
CA ALA B 238 -6.35 0.36 43.08
C ALA B 238 -5.53 0.07 44.36
N GLN B 239 -5.65 -1.14 44.91
CA GLN B 239 -4.82 -1.58 46.09
C GLN B 239 -3.32 -1.60 45.78
N GLN B 240 -2.95 -1.94 44.53
CA GLN B 240 -1.60 -1.95 44.05
C GLN B 240 -1.12 -0.57 43.64
N GLY B 241 -2.01 0.42 43.61
CA GLY B 241 -1.72 1.80 43.19
C GLY B 241 -1.34 1.85 41.69
N ARG B 242 -1.97 1.01 40.89
CA ARG B 242 -1.66 0.84 39.46
C ARG B 242 -2.73 1.16 38.43
N LEU B 243 -3.85 1.71 38.87
CA LEU B 243 -4.90 2.11 37.93
C LEU B 243 -4.60 3.57 37.60
N HIS B 244 -3.79 3.78 36.58
CA HIS B 244 -3.32 5.10 36.20
C HIS B 244 -4.18 5.87 35.22
N TYR B 245 -5.03 5.21 34.44
CA TYR B 245 -5.81 5.91 33.39
C TYR B 245 -6.97 5.05 32.93
N VAL B 246 -8.00 5.74 32.45
CA VAL B 246 -9.22 5.13 31.97
C VAL B 246 -9.65 5.80 30.68
N GLN B 247 -10.07 4.98 29.72
CA GLN B 247 -10.56 5.46 28.44
C GLN B 247 -11.92 4.85 28.18
N VAL B 248 -12.87 5.65 27.67
CA VAL B 248 -14.22 5.17 27.31
C VAL B 248 -14.24 5.10 25.75
N SER B 249 -14.58 3.93 25.22
CA SER B 249 -14.57 3.74 23.78
C SER B 249 -15.56 2.65 23.49
N PRO B 250 -16.38 2.84 22.44
CA PRO B 250 -17.34 1.77 22.18
C PRO B 250 -16.66 0.61 21.50
N PRO B 251 -17.30 -0.58 21.52
CA PRO B 251 -16.71 -1.74 20.85
C PRO B 251 -16.25 -1.57 19.40
N ASP B 252 -17.00 -0.82 18.59
CA ASP B 252 -16.60 -0.60 17.20
C ASP B 252 -15.63 0.58 17.05
N ARG B 253 -15.25 1.22 18.15
CA ARG B 253 -14.32 2.37 18.20
C ARG B 253 -14.82 3.72 17.58
N GLY B 254 -16.11 3.80 17.25
CA GLY B 254 -16.74 4.92 16.60
C GLY B 254 -17.62 5.68 17.56
N ALA B 255 -18.94 5.72 17.29
CA ALA B 255 -19.87 6.55 18.08
C ALA B 255 -20.11 6.00 19.47
N LEU B 256 -19.79 6.80 20.47
CA LEU B 256 -19.90 6.38 21.87
C LEU B 256 -21.33 6.42 22.44
N HIS B 257 -22.17 7.25 21.85
CA HIS B 257 -23.58 7.47 22.29
C HIS B 257 -24.60 6.45 21.78
N THR B 258 -24.24 5.64 20.80
CA THR B 258 -25.09 4.56 20.27
C THR B 258 -24.23 3.31 20.18
N SER B 259 -24.02 2.67 21.33
CA SER B 259 -23.17 1.46 21.45
C SER B 259 -23.56 0.60 22.61
N TRP B 260 -22.95 -0.57 22.65
CA TRP B 260 -23.11 -1.53 23.75
C TRP B 260 -22.06 -1.33 24.88
N LEU B 261 -21.43 -0.15 25.03
CA LEU B 261 -20.55 0.05 26.17
C LEU B 261 -21.41 -0.17 27.44
N PRO B 262 -21.04 -1.10 28.37
CA PRO B 262 -21.81 -1.34 29.62
C PRO B 262 -21.41 -0.28 30.64
N TRP B 263 -21.97 0.92 30.47
CA TRP B 263 -21.59 2.07 31.30
C TRP B 263 -21.57 1.79 32.80
N LYS B 264 -22.66 1.23 33.32
CA LYS B 264 -22.79 1.02 34.76
C LYS B 264 -21.74 0.05 35.30
N SER B 265 -21.71 -1.14 34.71
CA SER B 265 -20.81 -2.17 35.12
C SER B 265 -19.33 -1.86 34.92
N PHE B 266 -19.01 -1.00 33.96
CA PHE B 266 -17.63 -0.61 33.67
C PHE B 266 -17.22 0.54 34.61
N LEU B 267 -18.02 1.59 34.69
CA LEU B 267 -17.64 2.76 35.48
C LEU B 267 -17.82 2.64 37.02
N THR B 268 -18.78 1.84 37.47
CA THR B 268 -19.09 1.76 38.91
C THR B 268 -17.86 1.40 39.79
N PRO B 269 -17.16 0.29 39.51
CA PRO B 269 -15.96 0.01 40.33
C PRO B 269 -14.85 1.02 40.15
N ILE B 270 -14.72 1.58 38.94
CA ILE B 270 -13.68 2.54 38.61
C ILE B 270 -13.84 3.85 39.34
N VAL B 271 -15.04 4.42 39.28
CA VAL B 271 -15.31 5.71 39.94
C VAL B 271 -15.13 5.68 41.47
N LYS B 272 -15.32 4.50 42.09
CA LYS B 272 -15.04 4.32 43.54
C LYS B 272 -13.56 4.52 43.90
N VAL B 273 -12.64 4.22 42.98
CA VAL B 273 -11.21 4.26 43.26
C VAL B 273 -10.38 5.20 42.42
N TYR B 274 -10.93 5.75 41.32
CA TYR B 274 -10.13 6.50 40.37
C TYR B 274 -10.68 7.90 40.20
N ASP B 275 -9.82 8.90 40.31
CA ASP B 275 -10.25 10.30 40.12
C ASP B 275 -9.37 11.09 39.15
N GLY B 276 -8.72 10.37 38.25
CA GLY B 276 -7.95 10.98 37.18
C GLY B 276 -8.91 11.30 36.04
N PRO B 277 -8.37 11.76 34.90
CA PRO B 277 -9.21 12.07 33.76
C PRO B 277 -9.80 10.82 33.10
N ILE B 278 -10.93 10.99 32.43
CA ILE B 278 -11.57 9.94 31.64
C ILE B 278 -11.47 10.40 30.20
N ALA B 279 -10.76 9.63 29.36
CA ALA B 279 -10.54 10.00 27.97
C ALA B 279 -11.51 9.31 27.04
N VAL B 280 -12.21 10.12 26.23
CA VAL B 280 -13.01 9.61 25.10
C VAL B 280 -12.01 9.20 24.03
N GLU B 281 -12.08 7.95 23.56
CA GLU B 281 -11.14 7.48 22.53
C GLU B 281 -11.91 6.92 21.33
N ILE B 282 -12.04 7.77 20.31
CA ILE B 282 -12.76 7.44 19.08
C ILE B 282 -11.71 7.43 17.97
N PHE B 283 -11.68 6.34 17.22
CA PHE B 283 -10.77 6.15 16.10
C PHE B 283 -11.60 6.48 14.89
N ASN B 284 -11.41 7.66 14.32
CA ASN B 284 -12.14 8.02 13.09
C ASN B 284 -11.67 7.12 11.90
N ALA B 285 -12.51 7.03 10.87
CA ALA B 285 -12.17 6.31 9.64
C ALA B 285 -11.22 7.10 8.76
N ILE B 286 -9.99 7.30 9.29
CA ILE B 286 -8.91 7.99 8.61
C ILE B 286 -8.03 6.87 8.02
N PRO B 287 -7.24 7.19 6.98
CA PRO B 287 -6.40 6.17 6.35
C PRO B 287 -5.51 5.34 7.30
N ALA B 288 -5.04 5.93 8.41
CA ALA B 288 -4.21 5.17 9.37
C ALA B 288 -4.95 3.99 10.01
N PHE B 289 -6.28 4.04 10.09
CA PHE B 289 -7.06 3.01 10.77
C PHE B 289 -8.04 2.20 9.95
N THR B 290 -8.32 2.58 8.68
CA THR B 290 -9.37 1.88 7.94
C THR B 290 -9.03 0.41 7.69
N ASN B 291 -7.77 0.14 7.33
CA ASN B 291 -7.30 -1.22 7.11
C ASN B 291 -6.99 -1.93 8.44
N SER B 292 -6.27 -1.27 9.35
CA SER B 292 -5.79 -1.93 10.59
C SER B 292 -6.96 -2.30 11.53
N LEU B 293 -8.01 -1.48 11.55
CA LEU B 293 -9.23 -1.73 12.35
C LEU B 293 -10.43 -2.24 11.55
N ARG B 294 -10.22 -2.55 10.26
CA ARG B 294 -11.24 -3.00 9.34
C ARG B 294 -12.54 -2.19 9.40
N LEU B 295 -12.38 -0.89 9.21
CA LEU B 295 -13.49 0.02 9.34
C LEU B 295 -14.36 0.08 8.11
N THR B 296 -15.52 -0.60 8.20
CA THR B 296 -16.53 -0.53 7.15
C THR B 296 -17.44 0.70 7.31
N ARG B 297 -17.43 1.32 8.48
CA ARG B 297 -18.27 2.50 8.75
C ARG B 297 -17.77 3.74 8.04
N ARG B 298 -18.72 4.64 7.75
CA ARG B 298 -18.45 5.92 7.09
C ARG B 298 -17.68 6.81 8.07
N LYS B 299 -16.82 7.64 7.49
CA LYS B 299 -15.99 8.57 8.22
C LYS B 299 -16.85 9.65 8.86
N PHE B 300 -16.41 10.12 10.04
CA PHE B 300 -16.98 11.28 10.72
C PHE B 300 -16.16 12.42 10.09
N TRP B 301 -16.71 13.01 9.03
CA TRP B 301 -15.95 13.96 8.20
C TRP B 301 -15.39 15.16 9.00
N ILE B 302 -14.17 15.54 8.71
CA ILE B 302 -13.44 16.57 9.48
C ILE B 302 -13.66 17.93 8.81
N PRO B 303 -14.35 18.88 9.48
CA PRO B 303 -14.56 20.19 8.83
C PRO B 303 -13.26 20.87 8.35
N ASP B 304 -13.32 21.42 7.13
CA ASP B 304 -12.21 22.11 6.45
C ASP B 304 -11.13 21.21 5.85
N GLU B 305 -11.25 19.89 6.06
CA GLU B 305 -10.36 18.89 5.46
C GLU B 305 -11.12 18.05 4.48
N ASP B 306 -12.26 17.51 4.93
CA ASP B 306 -13.14 16.68 4.11
C ASP B 306 -14.30 17.55 3.64
N PRO B 307 -14.86 17.24 2.46
CA PRO B 307 -16.06 17.94 2.01
C PRO B 307 -17.25 17.54 2.87
N PRO B 308 -18.18 18.47 3.17
CA PRO B 308 -19.34 18.05 3.96
C PRO B 308 -20.28 17.04 3.28
N ASN B 309 -21.09 16.38 4.10
CA ASN B 309 -22.13 15.47 3.64
C ASN B 309 -23.24 15.40 4.68
N GLN B 310 -24.25 14.60 4.39
CA GLN B 310 -25.41 14.44 5.26
C GLN B 310 -25.14 13.69 6.57
N TYR B 311 -24.01 12.98 6.67
CA TYR B 311 -23.70 12.15 7.83
C TYR B 311 -23.02 13.00 8.89
N PRO B 312 -22.96 12.52 10.14
CA PRO B 312 -22.28 13.26 11.21
C PRO B 312 -20.81 13.59 10.95
N ASN B 313 -20.40 14.77 11.38
CA ASN B 313 -19.02 15.20 11.27
C ASN B 313 -18.27 14.85 12.56
N ALA B 314 -16.94 14.98 12.52
CA ALA B 314 -16.05 14.70 13.65
C ALA B 314 -16.47 15.43 14.93
N TYR B 315 -16.87 16.72 14.80
CA TYR B 315 -17.32 17.49 15.98
C TYR B 315 -18.65 17.06 16.54
N ASP B 316 -19.60 16.73 15.67
CA ASP B 316 -20.90 16.19 16.07
C ASP B 316 -20.68 14.97 16.98
N ILE B 317 -19.87 14.03 16.50
CA ILE B 317 -19.60 12.79 17.24
C ILE B 317 -18.90 13.05 18.59
N ALA B 318 -17.92 13.96 18.57
CA ALA B 318 -17.16 14.35 19.76
C ALA B 318 -18.05 15.04 20.80
N ASP B 319 -19.02 15.84 20.35
CA ASP B 319 -19.96 16.50 21.26
C ASP B 319 -20.90 15.47 21.91
N GLU B 320 -21.50 14.60 21.10
CA GLU B 320 -22.32 13.53 21.64
C GLU B 320 -21.57 12.56 22.60
N ALA B 321 -20.26 12.40 22.35
CA ALA B 321 -19.41 11.52 23.19
C ALA B 321 -19.30 12.05 24.60
N ILE B 322 -19.00 13.36 24.73
CA ILE B 322 -18.87 13.96 26.06
C ILE B 322 -20.21 14.04 26.78
N LYS B 323 -21.29 14.37 26.05
CA LYS B 323 -22.62 14.39 26.63
C LYS B 323 -23.04 13.03 27.20
N VAL B 324 -22.84 11.94 26.46
CA VAL B 324 -23.21 10.61 26.99
C VAL B 324 -22.32 10.20 28.18
N THR B 325 -21.03 10.51 28.11
CA THR B 325 -20.08 10.19 29.19
C THR B 325 -20.52 10.89 30.49
N ARG B 326 -20.79 12.21 30.40
CA ARG B 326 -21.29 13.01 31.53
CA ARG B 326 -21.25 12.96 31.58
C ARG B 326 -22.60 12.45 32.08
N LYS B 327 -23.52 12.11 31.18
CA LYS B 327 -24.81 11.56 31.59
C LYS B 327 -24.68 10.27 32.40
N GLU B 328 -23.82 9.38 31.93
CA GLU B 328 -23.64 8.08 32.55
C GLU B 328 -22.90 8.18 33.86
N LEU B 329 -21.91 9.05 33.92
CA LEU B 329 -21.20 9.34 35.16
C LEU B 329 -22.13 9.91 36.23
N LYS B 330 -23.01 10.82 35.83
CA LYS B 330 -24.03 11.41 36.71
C LYS B 330 -24.99 10.34 37.25
N LYS B 331 -25.37 9.37 36.42
CA LYS B 331 -26.21 8.24 36.88
C LYS B 331 -25.59 7.42 38.01
N ILE B 332 -24.25 7.35 38.05
CA ILE B 332 -23.47 6.63 39.07
CA ILE B 332 -23.49 6.63 39.08
C ILE B 332 -23.35 7.50 40.33
N GLY B 333 -23.01 8.79 40.14
CA GLY B 333 -22.83 9.76 41.24
C GLY B 333 -23.92 10.81 41.25
C1 XLS C . 5.07 -6.64 -18.32
C2 XLS C . 3.66 -6.41 -18.83
C3 XLS C . 2.76 -5.55 -17.87
C4 XLS C . 1.81 -4.60 -18.58
O1 XLS C . 5.84 -7.84 -18.50
O2 XLS C . 3.65 -5.96 -20.18
O3 XLS C . 3.39 -4.73 -16.90
O4 XLS C . 1.11 -5.33 -19.55
ZN ZN D . 7.32 -6.96 -22.62
CL CL E . 4.89 4.86 -10.85
CL CL F . -23.06 -13.67 -16.78
CL CL G . -19.67 -14.52 -24.07
C1 GOL H . 26.12 12.21 -14.73
O1 GOL H . 27.19 11.35 -15.02
C2 GOL H . 25.14 12.28 -15.90
O2 GOL H . 24.68 10.96 -16.18
C3 GOL H . 25.78 12.99 -17.11
O3 GOL H . 25.71 12.25 -18.31
C1 XLS I . -5.24 1.16 19.75
C2 XLS I . -3.76 1.34 20.09
C3 XLS I . -2.87 1.90 18.94
C4 XLS I . -2.02 3.10 19.33
O1 XLS I . -6.09 0.31 20.51
O2 XLS I . -3.57 2.01 21.32
O3 XLS I . -3.52 2.25 17.72
O4 XLS I . -1.16 2.73 20.35
ZN ZN J . -7.17 2.74 23.94
CL CL K . -4.32 9.08 8.57
CL CL L . 18.92 -5.84 28.45
#